data_3VQX
#
_entry.id   3VQX
#
_cell.length_a   62.798
_cell.length_b   69.422
_cell.length_c   83.326
_cell.angle_alpha   106.92
_cell.angle_beta   91.41
_cell.angle_gamma   113.83
#
_symmetry.space_group_name_H-M   'P 1'
#
loop_
_entity.id
_entity.type
_entity.pdbx_description
1 polymer 'Pyrrolysine--tRNA ligase'
2 non-polymer 'ADENOSINE MONOPHOSPHATE'
3 non-polymer 'PHOSPHATE ION'
4 non-polymer '[[(2R,3S,4R,5R)-5-(6-aminopurin-9-yl)-3,4-bis(oxidanyl)oxolan-2-yl]methoxy-oxidanyl-phosphoryl] (2S)-2-azanyl-6-[(2-methylpropan-2-yl)oxycarbonylamino]hexanoate'
5 water water
#
_entity_poly.entity_id   1
_entity_poly.type   'polypeptide(L)'
_entity_poly.pdbx_seq_one_letter_code
;MGSSHHHHHHSSGLVPRGSHMASAPALTKSQTDRLEVLLNPKDEISLNSGKPFRELESELLSRRKKDLQQIYAEERENYL
GKLEREITRFFVDRGFLEIKSPILIPLEYIERMGIDNDTELSKQIFRVDKNFCLRPMLAPNLYNYLRKLDRALPDPIKIF
EIGPCYRKESDGKEHLEEFTMLNFCQMGSGCTRENLESIITDFLNHLGIDFKIVGDSCMVYGDTLDVMHGDLELSSAVVG
PIPLDREWGIDKPWIGAGFGLERLLKVKHDFKNIKRAARSGSYYNGISTNL
;
_entity_poly.pdbx_strand_id   A,B,C,D
#
# COMPACT_ATOMS: atom_id res chain seq x y z
N THR A 28 -56.85 39.40 2.68
CA THR A 28 -57.78 38.25 2.92
C THR A 28 -57.15 37.27 3.90
N LYS A 29 -57.93 36.28 4.32
CA LYS A 29 -57.46 35.28 5.27
C LYS A 29 -56.27 34.48 4.76
N SER A 30 -56.47 33.74 3.67
CA SER A 30 -55.43 32.92 3.07
C SER A 30 -54.15 33.70 2.77
N GLN A 31 -54.27 34.96 2.39
CA GLN A 31 -53.10 35.77 2.11
C GLN A 31 -52.36 36.04 3.41
N THR A 32 -53.11 36.41 4.44
CA THR A 32 -52.55 36.71 5.74
C THR A 32 -51.69 35.55 6.26
N ASP A 33 -52.24 34.35 6.16
CA ASP A 33 -51.53 33.16 6.62
C ASP A 33 -50.20 32.95 5.92
N ARG A 34 -50.19 32.98 4.60
CA ARG A 34 -48.93 32.77 3.88
C ARG A 34 -47.99 33.95 4.07
N LEU A 35 -48.49 35.04 4.64
CA LEU A 35 -47.66 36.21 4.88
C LEU A 35 -46.90 36.07 6.19
N GLU A 36 -47.60 35.57 7.20
CA GLU A 36 -46.99 35.36 8.52
C GLU A 36 -45.92 34.29 8.44
N VAL A 37 -46.13 33.35 7.53
CA VAL A 37 -45.20 32.25 7.30
C VAL A 37 -43.88 32.77 6.76
N LEU A 38 -43.94 33.80 5.93
CA LEU A 38 -42.73 34.38 5.33
C LEU A 38 -42.21 35.54 6.15
N LEU A 39 -43.01 36.00 7.10
CA LEU A 39 -42.61 37.11 7.93
C LEU A 39 -41.60 36.62 8.96
N ASN A 40 -40.56 37.41 9.20
CA ASN A 40 -39.54 37.04 10.17
C ASN A 40 -39.64 37.92 11.41
N PRO A 41 -39.11 37.45 12.54
CA PRO A 41 -39.16 38.24 13.77
C PRO A 41 -38.40 39.56 13.66
N LYS A 42 -37.27 39.55 12.96
CA LYS A 42 -36.44 40.75 12.79
C LYS A 42 -36.88 41.71 11.68
N ASP A 43 -38.03 41.45 11.04
CA ASP A 43 -38.51 42.33 9.97
C ASP A 43 -39.33 43.50 10.50
N GLU A 44 -39.34 44.60 9.73
CA GLU A 44 -40.09 45.80 10.09
C GLU A 44 -41.57 45.63 9.76
N ILE A 45 -41.93 44.43 9.29
CA ILE A 45 -43.31 44.11 8.93
C ILE A 45 -43.85 45.08 7.88
N SER A 49 -48.47 46.94 5.85
CA SER A 49 -49.52 47.72 6.50
C SER A 49 -50.61 48.14 5.52
N GLY A 50 -50.21 48.54 4.31
CA GLY A 50 -51.17 48.96 3.30
C GLY A 50 -50.75 48.57 1.89
N LYS A 51 -49.49 48.14 1.77
CA LYS A 51 -48.95 47.73 0.48
C LYS A 51 -49.76 46.54 -0.03
N PRO A 52 -50.02 46.48 -1.34
CA PRO A 52 -50.80 45.36 -1.86
C PRO A 52 -50.10 44.04 -1.54
N PHE A 53 -50.89 42.98 -1.38
CA PHE A 53 -50.35 41.67 -1.06
C PHE A 53 -49.20 41.21 -1.96
N ARG A 54 -49.46 41.15 -3.26
CA ARG A 54 -48.47 40.70 -4.24
C ARG A 54 -47.12 41.36 -3.98
N GLU A 55 -47.17 42.65 -3.69
CA GLU A 55 -45.97 43.43 -3.45
C GLU A 55 -45.33 43.10 -2.11
N LEU A 56 -46.15 42.71 -1.15
CA LEU A 56 -45.69 42.38 0.20
C LEU A 56 -45.06 40.98 0.20
N GLU A 57 -45.75 40.04 -0.44
CA GLU A 57 -45.27 38.67 -0.54
C GLU A 57 -43.93 38.66 -1.26
N SER A 58 -43.86 39.37 -2.37
CA SER A 58 -42.65 39.44 -3.18
C SER A 58 -41.43 39.87 -2.37
N GLU A 59 -41.58 40.99 -1.66
CA GLU A 59 -40.52 41.55 -0.83
C GLU A 59 -40.06 40.59 0.27
N LEU A 60 -41.00 39.80 0.79
CA LEU A 60 -40.69 38.83 1.84
C LEU A 60 -40.00 37.62 1.24
N LEU A 61 -40.49 37.15 0.10
CA LEU A 61 -39.88 36.02 -0.55
C LEU A 61 -38.40 36.28 -0.83
N SER A 62 -38.08 37.51 -1.23
CA SER A 62 -36.69 37.85 -1.53
C SER A 62 -35.87 37.97 -0.26
N ARG A 63 -36.49 38.46 0.81
CA ARG A 63 -35.78 38.58 2.08
C ARG A 63 -35.48 37.19 2.62
N ARG A 64 -36.45 36.27 2.49
CA ARG A 64 -36.30 34.89 2.94
C ARG A 64 -35.21 34.15 2.18
N LYS A 65 -35.15 34.33 0.87
CA LYS A 65 -34.13 33.65 0.09
C LYS A 65 -32.78 34.26 0.44
N LYS A 66 -32.79 35.56 0.75
CA LYS A 66 -31.56 36.24 1.11
C LYS A 66 -31.05 35.70 2.46
N ASP A 67 -31.96 35.57 3.42
CA ASP A 67 -31.62 35.05 4.73
C ASP A 67 -31.13 33.62 4.61
N LEU A 68 -31.83 32.84 3.81
CA LEU A 68 -31.48 31.45 3.59
C LEU A 68 -30.14 31.36 2.88
N GLN A 69 -29.82 32.39 2.09
CA GLN A 69 -28.55 32.43 1.35
C GLN A 69 -27.40 32.84 2.25
N GLN A 70 -27.65 33.79 3.15
CA GLN A 70 -26.60 34.23 4.07
C GLN A 70 -26.24 33.04 4.94
N ILE A 71 -27.27 32.36 5.42
CA ILE A 71 -27.14 31.18 6.27
C ILE A 71 -26.26 30.15 5.55
N TYR A 72 -26.63 29.82 4.33
CA TYR A 72 -25.88 28.83 3.56
C TYR A 72 -24.44 29.24 3.28
N ALA A 73 -24.18 30.54 3.35
CA ALA A 73 -22.83 31.05 3.08
C ALA A 73 -21.95 31.20 4.32
N GLU A 74 -22.53 31.70 5.41
CA GLU A 74 -21.76 31.93 6.64
C GLU A 74 -22.14 31.07 7.85
N GLU A 75 -23.24 30.34 7.78
CA GLU A 75 -23.66 29.52 8.91
C GLU A 75 -23.64 28.04 8.61
N ARG A 76 -24.76 27.54 8.10
CA ARG A 76 -24.90 26.14 7.73
C ARG A 76 -25.22 25.21 8.90
N GLU A 77 -25.22 25.73 10.13
CA GLU A 77 -25.53 24.90 11.29
C GLU A 77 -27.01 24.99 11.67
N ASN A 78 -27.65 23.84 11.81
CA ASN A 78 -29.04 23.81 12.20
C ASN A 78 -29.15 24.40 13.60
N TYR A 79 -30.17 25.21 13.83
CA TYR A 79 -30.36 25.83 15.13
C TYR A 79 -30.48 24.81 16.26
N LEU A 80 -31.19 23.74 15.97
CA LEU A 80 -31.44 22.69 16.94
C LEU A 80 -30.11 21.97 17.21
N GLY A 81 -29.44 21.54 16.15
CA GLY A 81 -28.17 20.90 16.31
C GLY A 81 -27.15 21.77 17.04
N LYS A 82 -27.09 23.05 16.70
CA LYS A 82 -26.12 23.93 17.35
C LYS A 82 -26.38 24.10 18.84
N LEU A 83 -27.64 24.30 19.20
CA LEU A 83 -28.01 24.46 20.60
C LEU A 83 -27.66 23.16 21.37
N GLU A 84 -28.00 22.02 20.79
CA GLU A 84 -27.68 20.76 21.42
C GLU A 84 -26.18 20.68 21.70
N ARG A 85 -25.38 21.00 20.69
CA ARG A 85 -23.92 20.98 20.82
C ARG A 85 -23.39 21.96 21.87
N GLU A 86 -24.05 23.09 22.01
CA GLU A 86 -23.64 24.09 23.00
C GLU A 86 -24.02 23.61 24.40
N ILE A 87 -25.24 23.07 24.52
CA ILE A 87 -25.71 22.55 25.81
C ILE A 87 -24.81 21.40 26.25
N THR A 88 -24.45 20.53 25.31
CA THR A 88 -23.58 19.39 25.60
C THR A 88 -22.25 19.83 26.18
N ARG A 89 -21.62 20.82 25.55
CA ARG A 89 -20.33 21.34 26.03
C ARG A 89 -20.53 21.93 27.42
N PHE A 90 -21.65 22.60 27.63
CA PHE A 90 -21.90 23.18 28.94
C PHE A 90 -21.89 22.11 30.03
N PHE A 91 -22.56 20.99 29.78
CA PHE A 91 -22.64 19.95 30.80
C PHE A 91 -21.43 19.09 30.93
N VAL A 92 -20.81 18.74 29.82
CA VAL A 92 -19.61 17.94 29.88
C VAL A 92 -18.56 18.73 30.67
N ASP A 93 -18.56 20.06 30.50
CA ASP A 93 -17.59 20.90 31.22
C ASP A 93 -17.86 21.01 32.70
N ARG A 94 -19.10 20.75 33.11
CA ARG A 94 -19.43 20.84 34.51
C ARG A 94 -19.40 19.45 35.18
N GLY A 95 -18.89 18.47 34.45
CA GLY A 95 -18.76 17.12 34.98
C GLY A 95 -19.90 16.13 34.75
N PHE A 96 -20.77 16.40 33.78
CA PHE A 96 -21.88 15.51 33.52
C PHE A 96 -21.51 14.59 32.40
N LEU A 97 -21.93 13.34 32.52
CA LEU A 97 -21.67 12.33 31.50
C LEU A 97 -22.79 12.47 30.48
N GLU A 98 -22.40 12.43 29.21
CA GLU A 98 -23.35 12.56 28.11
C GLU A 98 -23.99 11.22 27.77
N ILE A 99 -25.32 11.19 27.70
CA ILE A 99 -26.03 9.94 27.40
C ILE A 99 -26.73 9.99 26.04
N LYS A 100 -26.77 8.84 25.37
CA LYS A 100 -27.48 8.68 24.10
C LYS A 100 -28.21 7.33 24.23
N SER A 101 -29.45 7.36 24.67
CA SER A 101 -30.23 6.14 24.87
C SER A 101 -31.30 5.90 23.81
N PRO A 102 -31.92 4.72 23.82
CA PRO A 102 -32.95 4.46 22.81
C PRO A 102 -34.15 5.42 22.84
N ILE A 103 -34.68 5.69 21.65
CA ILE A 103 -35.83 6.56 21.49
C ILE A 103 -37.03 5.61 21.46
N LEU A 104 -36.84 4.46 20.83
CA LEU A 104 -37.86 3.44 20.74
C LEU A 104 -37.70 2.66 22.04
N ILE A 105 -38.53 2.94 23.02
CA ILE A 105 -38.45 2.27 24.31
C ILE A 105 -39.61 1.30 24.56
N PRO A 106 -39.42 0.36 25.50
CA PRO A 106 -40.44 -0.62 25.85
C PRO A 106 -41.68 0.04 26.46
N LEU A 107 -42.86 -0.35 25.98
CA LEU A 107 -44.13 0.20 26.47
C LEU A 107 -44.26 0.16 28.00
N GLU A 108 -43.65 -0.82 28.64
CA GLU A 108 -43.73 -0.94 30.09
C GLU A 108 -43.08 0.22 30.84
N TYR A 109 -42.11 0.87 30.21
CA TYR A 109 -41.44 2.00 30.85
C TYR A 109 -42.43 3.10 31.10
N ILE A 110 -43.47 3.16 30.27
CA ILE A 110 -44.51 4.17 30.40
C ILE A 110 -45.44 3.79 31.55
N GLU A 111 -45.78 2.51 31.61
CA GLU A 111 -46.64 1.99 32.66
C GLU A 111 -45.87 2.11 33.97
N ARG A 112 -44.54 2.13 33.86
CA ARG A 112 -43.66 2.23 35.01
C ARG A 112 -43.51 3.66 35.51
N MET A 113 -43.76 4.63 34.62
CA MET A 113 -43.66 6.04 35.01
C MET A 113 -44.92 6.51 35.72
N GLY A 114 -45.95 5.67 35.72
CA GLY A 114 -47.20 6.04 36.38
C GLY A 114 -48.18 6.64 35.40
N ILE A 115 -48.37 5.97 34.26
CA ILE A 115 -49.29 6.45 33.24
C ILE A 115 -50.26 5.38 32.78
N ASP A 116 -51.50 5.47 33.28
CA ASP A 116 -52.57 4.54 32.93
C ASP A 116 -53.89 5.30 32.84
N LYS A 123 -52.61 7.82 27.60
CA LYS A 123 -52.06 9.13 27.26
C LYS A 123 -51.77 9.31 25.77
N GLN A 124 -51.15 10.44 25.46
CA GLN A 124 -50.76 10.83 24.11
C GLN A 124 -49.49 10.06 23.77
N ILE A 125 -49.58 8.75 23.62
CA ILE A 125 -48.40 7.95 23.35
C ILE A 125 -48.38 7.38 21.94
N PHE A 126 -47.23 7.49 21.27
CA PHE A 126 -47.08 6.94 19.94
C PHE A 126 -46.61 5.50 20.12
N ARG A 127 -47.54 4.57 20.14
CA ARG A 127 -47.17 3.17 20.29
C ARG A 127 -46.69 2.69 18.95
N VAL A 128 -45.68 1.83 18.95
CA VAL A 128 -45.18 1.25 17.70
C VAL A 128 -45.16 -0.24 17.93
N ASP A 129 -45.98 -0.93 17.15
CA ASP A 129 -46.08 -2.37 17.24
C ASP A 129 -46.60 -2.87 18.59
N LYS A 130 -46.31 -4.15 18.84
CA LYS A 130 -46.71 -4.89 20.02
C LYS A 130 -46.50 -4.21 21.38
N ASN A 131 -45.25 -4.14 21.82
CA ASN A 131 -44.94 -3.58 23.12
C ASN A 131 -43.81 -2.55 23.13
N PHE A 132 -43.77 -1.69 22.12
CA PHE A 132 -42.76 -0.65 22.06
C PHE A 132 -43.40 0.69 21.75
N CYS A 133 -42.70 1.77 22.10
CA CYS A 133 -43.24 3.08 21.84
C CYS A 133 -42.13 4.12 21.81
N LEU A 134 -42.44 5.25 21.17
CA LEU A 134 -41.50 6.36 21.08
C LEU A 134 -41.50 7.04 22.44
N ARG A 135 -40.34 7.12 23.08
CA ARG A 135 -40.25 7.74 24.39
C ARG A 135 -40.95 9.09 24.38
N PRO A 136 -41.78 9.38 25.40
CA PRO A 136 -42.49 10.65 25.51
C PRO A 136 -41.67 11.55 26.42
N MET A 137 -40.61 10.97 26.98
CA MET A 137 -39.71 11.70 27.87
C MET A 137 -38.43 10.90 28.06
N LEU A 138 -37.47 11.53 28.70
CA LEU A 138 -36.17 10.92 28.93
C LEU A 138 -35.99 10.17 30.26
N ALA A 139 -36.87 10.44 31.22
CA ALA A 139 -36.79 9.82 32.55
C ALA A 139 -36.47 8.34 32.67
N PRO A 140 -37.25 7.46 32.03
CA PRO A 140 -36.91 6.03 32.17
C PRO A 140 -35.45 5.68 31.90
N ASN A 141 -34.98 5.93 30.68
CA ASN A 141 -33.60 5.62 30.35
C ASN A 141 -32.59 6.26 31.29
N LEU A 142 -32.82 7.51 31.68
CA LEU A 142 -31.90 8.18 32.60
C LEU A 142 -31.99 7.54 33.97
N TYR A 143 -33.16 6.99 34.30
CA TYR A 143 -33.36 6.30 35.58
C TYR A 143 -32.47 5.05 35.57
N ASN A 144 -32.52 4.30 34.48
CA ASN A 144 -31.72 3.11 34.33
C ASN A 144 -30.21 3.44 34.38
N TYR A 145 -29.78 4.50 33.71
CA TYR A 145 -28.36 4.86 33.75
C TYR A 145 -27.93 5.23 35.16
N LEU A 146 -28.81 5.91 35.89
CA LEU A 146 -28.50 6.27 37.25
C LEU A 146 -28.31 5.00 38.10
N ARG A 147 -29.23 4.05 37.93
CA ARG A 147 -29.17 2.80 38.70
C ARG A 147 -27.91 2.02 38.35
N LYS A 148 -27.63 1.88 37.06
CA LYS A 148 -26.45 1.13 36.64
C LYS A 148 -25.11 1.82 36.92
N LEU A 149 -25.04 3.13 36.70
CA LEU A 149 -23.80 3.89 36.92
C LEU A 149 -23.47 4.04 38.39
N ASP A 150 -24.46 3.87 39.25
CA ASP A 150 -24.25 3.99 40.68
C ASP A 150 -23.41 2.82 41.20
N ARG A 151 -23.36 1.75 40.41
CA ARG A 151 -22.59 0.60 40.80
C ARG A 151 -21.14 0.71 40.31
N ALA A 152 -20.84 1.79 39.59
CA ALA A 152 -19.49 1.97 39.05
C ALA A 152 -18.88 3.34 39.23
N LEU A 153 -19.70 4.34 39.53
CA LEU A 153 -19.21 5.71 39.68
C LEU A 153 -19.36 6.28 41.08
N PRO A 154 -18.41 7.13 41.50
CA PRO A 154 -18.43 7.76 42.81
C PRO A 154 -19.40 8.91 42.82
N ASP A 155 -20.23 9.00 43.86
CA ASP A 155 -21.18 10.07 43.95
C ASP A 155 -20.42 11.40 43.97
N PRO A 156 -21.01 12.46 43.37
CA PRO A 156 -22.32 12.45 42.72
C PRO A 156 -22.28 11.94 41.29
N ILE A 157 -23.34 11.21 40.92
CA ILE A 157 -23.50 10.67 39.58
C ILE A 157 -24.17 11.82 38.81
N LYS A 158 -23.52 12.31 37.76
CA LYS A 158 -24.05 13.43 36.96
C LYS A 158 -24.18 13.03 35.50
N ILE A 159 -25.40 13.04 34.99
CA ILE A 159 -25.65 12.66 33.61
C ILE A 159 -26.66 13.60 32.94
N PHE A 160 -26.75 13.50 31.63
CA PHE A 160 -27.69 14.32 30.91
C PHE A 160 -27.89 13.72 29.55
N GLU A 161 -29.09 13.89 29.01
CA GLU A 161 -29.34 13.43 27.66
C GLU A 161 -30.04 14.54 26.89
N ILE A 162 -29.90 14.53 25.58
CA ILE A 162 -30.53 15.51 24.72
C ILE A 162 -31.01 14.72 23.54
N GLY A 163 -32.30 14.76 23.25
CA GLY A 163 -32.76 14.01 22.10
C GLY A 163 -34.26 14.04 21.91
N PRO A 164 -34.74 13.44 20.82
CA PRO A 164 -36.14 13.33 20.41
C PRO A 164 -37.05 12.72 21.45
N CYS A 165 -38.23 13.32 21.63
CA CYS A 165 -39.25 12.81 22.55
C CYS A 165 -40.59 12.99 21.85
N TYR A 166 -41.53 12.06 22.06
CA TYR A 166 -42.81 12.14 21.36
C TYR A 166 -44.08 12.12 22.18
N ARG A 167 -45.02 12.97 21.78
CA ARG A 167 -46.32 13.08 22.43
C ARG A 167 -47.34 13.62 21.42
N LYS A 168 -48.43 12.88 21.24
CA LYS A 168 -49.49 13.29 20.32
C LYS A 168 -50.14 14.57 20.83
N GLU A 169 -50.23 15.58 19.95
CA GLU A 169 -50.81 16.88 20.31
C GLU A 169 -52.05 17.19 19.48
N GLY A 172 -50.24 23.22 20.91
CA GLY A 172 -50.24 23.47 19.49
C GLY A 172 -49.38 24.65 19.11
N LYS A 173 -49.54 25.75 19.85
CA LYS A 173 -48.77 26.96 19.61
C LYS A 173 -47.51 26.91 20.49
N GLU A 174 -47.50 25.98 21.43
CA GLU A 174 -46.38 25.80 22.35
C GLU A 174 -46.00 24.33 22.41
N HIS A 175 -46.77 23.49 21.71
CA HIS A 175 -46.53 22.05 21.74
C HIS A 175 -46.33 21.40 20.38
N LEU A 176 -45.32 20.56 20.31
CA LEU A 176 -44.97 19.83 19.10
C LEU A 176 -45.18 18.37 19.40
N GLU A 177 -45.44 17.58 18.37
CA GLU A 177 -45.61 16.15 18.58
C GLU A 177 -44.19 15.59 18.74
N GLU A 178 -43.29 16.05 17.86
CA GLU A 178 -41.89 15.63 17.90
C GLU A 178 -41.04 16.80 18.40
N PHE A 179 -40.58 16.73 19.65
CA PHE A 179 -39.75 17.79 20.22
C PHE A 179 -38.39 17.28 20.69
N THR A 180 -37.54 18.18 21.15
CA THR A 180 -36.20 17.79 21.58
C THR A 180 -36.06 18.12 23.05
N MET A 181 -35.65 17.12 23.82
CA MET A 181 -35.53 17.33 25.26
C MET A 181 -34.10 17.27 25.77
N LEU A 182 -33.86 18.04 26.83
CA LEU A 182 -32.60 18.04 27.52
C LEU A 182 -33.01 17.63 28.93
N ASN A 183 -32.40 16.57 29.43
CA ASN A 183 -32.65 16.14 30.80
C ASN A 183 -31.31 15.89 31.44
N PHE A 184 -31.07 16.56 32.56
CA PHE A 184 -29.84 16.36 33.30
C PHE A 184 -30.18 16.09 34.76
N CYS A 185 -29.34 15.32 35.44
CA CYS A 185 -29.58 15.07 36.84
C CYS A 185 -28.34 14.62 37.54
N GLN A 186 -28.30 14.92 38.83
CA GLN A 186 -27.19 14.56 39.69
C GLN A 186 -27.80 13.74 40.83
N MET A 187 -27.14 12.63 41.13
CA MET A 187 -27.62 11.77 42.19
C MET A 187 -26.53 11.59 43.22
N GLY A 188 -26.89 11.80 44.48
CA GLY A 188 -25.91 11.66 45.53
C GLY A 188 -26.36 12.54 46.67
N SER A 189 -25.90 12.24 47.88
CA SER A 189 -26.29 13.05 49.02
C SER A 189 -25.78 14.46 48.77
N GLY A 190 -26.38 15.43 49.42
CA GLY A 190 -25.95 16.80 49.21
C GLY A 190 -26.79 17.53 48.20
N CYS A 191 -27.20 16.83 47.14
CA CYS A 191 -28.02 17.42 46.10
C CYS A 191 -29.27 18.07 46.67
N THR A 192 -29.19 19.39 46.81
CA THR A 192 -30.27 20.18 47.37
C THR A 192 -31.01 20.96 46.28
N ARG A 193 -32.10 21.62 46.66
CA ARG A 193 -32.86 22.44 45.73
C ARG A 193 -31.92 23.56 45.26
N GLU A 194 -31.05 23.98 46.19
CA GLU A 194 -30.05 25.00 45.99
C GLU A 194 -29.19 24.69 44.77
N ASN A 195 -28.57 23.51 44.77
CA ASN A 195 -27.73 23.09 43.66
C ASN A 195 -28.53 23.12 42.37
N LEU A 196 -29.80 22.70 42.44
CA LEU A 196 -30.66 22.67 41.26
C LEU A 196 -30.88 24.07 40.70
N GLU A 197 -31.26 25.01 41.55
CA GLU A 197 -31.49 26.38 41.13
C GLU A 197 -30.19 26.99 40.61
N SER A 198 -29.08 26.58 41.19
CA SER A 198 -27.78 27.10 40.81
C SER A 198 -27.35 26.63 39.42
N ILE A 199 -27.65 25.39 39.07
CA ILE A 199 -27.27 24.87 37.75
C ILE A 199 -28.13 25.48 36.66
N ILE A 200 -29.42 25.60 36.94
CA ILE A 200 -30.34 26.16 35.99
C ILE A 200 -29.94 27.59 35.67
N THR A 201 -29.56 28.32 36.71
CA THR A 201 -29.14 29.71 36.59
C THR A 201 -27.89 29.86 35.75
N ASP A 202 -26.89 29.01 36.00
CA ASP A 202 -25.67 29.09 35.21
C ASP A 202 -25.99 28.68 33.78
N PHE A 203 -26.87 27.71 33.65
CA PHE A 203 -27.26 27.20 32.35
C PHE A 203 -27.98 28.26 31.53
N LEU A 204 -29.02 28.86 32.11
CA LEU A 204 -29.75 29.88 31.37
C LEU A 204 -28.95 31.16 31.21
N ASN A 205 -28.01 31.42 32.12
CA ASN A 205 -27.19 32.61 32.00
C ASN A 205 -26.26 32.40 30.82
N HIS A 206 -25.71 31.19 30.70
CA HIS A 206 -24.83 30.85 29.60
C HIS A 206 -25.55 30.97 28.27
N LEU A 207 -26.80 30.50 28.20
CA LEU A 207 -27.57 30.57 26.96
C LEU A 207 -28.12 31.97 26.77
N GLY A 208 -27.87 32.84 27.74
CA GLY A 208 -28.39 34.18 27.65
C GLY A 208 -29.89 34.13 27.50
N ILE A 209 -30.57 33.59 28.52
CA ILE A 209 -32.02 33.49 28.50
C ILE A 209 -32.55 33.91 29.85
N ASP A 210 -33.22 35.04 29.86
CA ASP A 210 -33.81 35.58 31.07
C ASP A 210 -34.87 34.60 31.60
N PHE A 211 -34.90 34.39 32.92
CA PHE A 211 -35.86 33.45 33.49
C PHE A 211 -36.31 33.83 34.89
N LYS A 212 -37.36 33.14 35.32
CA LYS A 212 -37.94 33.30 36.64
C LYS A 212 -38.16 31.86 37.11
N ILE A 213 -37.86 31.57 38.36
CA ILE A 213 -38.08 30.22 38.88
C ILE A 213 -39.23 30.28 39.88
N VAL A 214 -40.35 29.64 39.57
CA VAL A 214 -41.48 29.66 40.49
C VAL A 214 -41.81 28.30 41.09
N GLY A 215 -42.16 28.32 42.37
CA GLY A 215 -42.52 27.07 43.04
C GLY A 215 -43.77 26.49 42.43
N ASP A 216 -43.85 25.17 42.37
CA ASP A 216 -45.00 24.48 41.82
C ASP A 216 -45.17 23.22 42.66
N SER A 217 -46.41 22.78 42.85
CA SER A 217 -46.65 21.62 43.68
C SER A 217 -47.74 20.69 43.14
N CYS A 218 -47.38 19.42 42.99
CA CYS A 218 -48.33 18.42 42.51
C CYS A 218 -48.21 17.13 43.32
N MET A 219 -49.19 16.25 43.15
CA MET A 219 -49.25 14.99 43.87
C MET A 219 -48.10 14.01 43.62
N VAL A 220 -47.87 13.60 42.38
CA VAL A 220 -46.81 12.63 42.14
C VAL A 220 -45.39 13.12 42.33
N TYR A 221 -45.09 14.34 41.90
CA TYR A 221 -43.73 14.85 42.04
C TYR A 221 -43.44 15.69 43.25
N GLY A 222 -44.48 16.19 43.91
CA GLY A 222 -44.26 17.00 45.10
C GLY A 222 -43.94 18.45 44.81
N ASP A 223 -43.18 19.07 45.71
CA ASP A 223 -42.80 20.46 45.57
C ASP A 223 -41.81 20.57 44.43
N THR A 224 -42.32 21.01 43.30
CA THR A 224 -41.57 21.16 42.06
C THR A 224 -41.05 22.57 41.78
N LEU A 225 -40.26 22.69 40.71
CA LEU A 225 -39.73 24.00 40.32
C LEU A 225 -40.03 24.25 38.86
N ASP A 226 -40.73 25.36 38.61
CA ASP A 226 -41.06 25.77 37.25
C ASP A 226 -40.06 26.85 36.86
N VAL A 227 -39.39 26.67 35.72
CA VAL A 227 -38.44 27.66 35.23
C VAL A 227 -39.19 28.43 34.16
N MET A 228 -39.54 29.67 34.48
CA MET A 228 -40.32 30.51 33.57
C MET A 228 -39.58 31.66 32.88
N HIS A 229 -40.08 31.98 31.68
CA HIS A 229 -39.61 33.10 30.88
C HIS A 229 -40.94 33.73 30.47
N GLY A 230 -41.33 34.78 31.19
CA GLY A 230 -42.63 35.37 30.92
C GLY A 230 -43.55 34.28 31.41
N ASP A 231 -44.61 33.94 30.67
CA ASP A 231 -45.46 32.87 31.13
C ASP A 231 -45.27 31.62 30.30
N LEU A 232 -44.08 31.48 29.74
CA LEU A 232 -43.74 30.29 28.96
C LEU A 232 -42.86 29.41 29.85
N GLU A 233 -43.23 28.15 29.99
CA GLU A 233 -42.44 27.23 30.80
C GLU A 233 -41.24 26.72 30.03
N LEU A 234 -40.06 26.92 30.62
CA LEU A 234 -38.82 26.45 30.03
C LEU A 234 -38.54 25.02 30.51
N SER A 235 -38.76 24.76 31.79
CA SER A 235 -38.50 23.42 32.29
C SER A 235 -39.12 23.15 33.64
N SER A 236 -39.35 21.87 33.91
CA SER A 236 -39.87 21.41 35.20
C SER A 236 -38.60 20.91 35.86
N ALA A 237 -38.41 21.28 37.12
CA ALA A 237 -37.23 20.85 37.85
C ALA A 237 -37.71 20.22 39.15
N VAL A 238 -37.24 19.01 39.41
CA VAL A 238 -37.65 18.32 40.62
C VAL A 238 -36.48 17.89 41.48
N VAL A 239 -36.71 17.93 42.79
CA VAL A 239 -35.71 17.51 43.75
C VAL A 239 -36.19 16.17 44.31
N GLY A 240 -35.38 15.13 44.14
CA GLY A 240 -35.75 13.83 44.65
C GLY A 240 -35.26 13.71 46.08
N PRO A 241 -35.55 12.60 46.79
CA PRO A 241 -36.29 11.44 46.32
C PRO A 241 -37.80 11.64 46.25
N ILE A 242 -38.46 10.75 45.52
CA ILE A 242 -39.91 10.78 45.39
C ILE A 242 -40.33 9.33 45.23
N PRO A 243 -41.55 8.99 45.67
CA PRO A 243 -42.09 7.63 45.58
C PRO A 243 -41.73 6.86 44.32
N LEU A 244 -41.87 7.51 43.18
CA LEU A 244 -41.59 6.90 41.89
C LEU A 244 -40.20 6.26 41.80
N ASP A 245 -39.26 6.81 42.55
CA ASP A 245 -37.88 6.30 42.53
C ASP A 245 -37.77 4.81 42.76
N ARG A 246 -38.43 4.32 43.81
CA ARG A 246 -38.37 2.89 44.15
C ARG A 246 -38.76 2.06 42.94
N GLU A 247 -39.54 2.65 42.05
CA GLU A 247 -39.96 1.92 40.86
C GLU A 247 -38.79 1.66 39.92
N TRP A 248 -37.68 2.35 40.12
CA TRP A 248 -36.51 2.21 39.24
C TRP A 248 -35.20 1.77 39.90
N GLY A 249 -35.26 1.47 41.19
CA GLY A 249 -34.07 1.02 41.89
C GLY A 249 -33.18 2.13 42.37
N ILE A 250 -33.75 3.30 42.57
CA ILE A 250 -32.99 4.46 43.04
C ILE A 250 -33.39 4.71 44.49
N ASP A 251 -32.40 4.81 45.37
CA ASP A 251 -32.64 5.04 46.80
C ASP A 251 -32.13 6.40 47.24
N LYS A 252 -31.15 6.91 46.49
CA LYS A 252 -30.54 8.19 46.82
C LYS A 252 -31.28 9.45 46.35
N PRO A 253 -30.98 10.58 46.98
CA PRO A 253 -31.62 11.84 46.62
C PRO A 253 -31.02 12.33 45.29
N TRP A 254 -31.73 13.22 44.62
CA TRP A 254 -31.26 13.73 43.34
C TRP A 254 -32.00 14.99 42.93
N ILE A 255 -31.48 15.61 41.90
CA ILE A 255 -32.07 16.80 41.34
C ILE A 255 -32.00 16.60 39.83
N GLY A 256 -32.98 17.12 39.12
CA GLY A 256 -33.00 16.97 37.69
C GLY A 256 -33.99 17.98 37.15
N ALA A 257 -33.90 18.21 35.85
CA ALA A 257 -34.78 19.18 35.19
C ALA A 257 -34.77 18.85 33.73
N GLY A 258 -35.89 19.09 33.06
CA GLY A 258 -35.94 18.83 31.63
C GLY A 258 -36.32 20.10 30.87
N PHE A 259 -35.56 20.46 29.85
CA PHE A 259 -35.84 21.64 29.02
C PHE A 259 -36.08 21.20 27.59
N GLY A 260 -37.09 21.77 26.95
CA GLY A 260 -37.33 21.44 25.56
C GLY A 260 -36.49 22.44 24.78
N LEU A 261 -35.66 21.96 23.86
CA LEU A 261 -34.80 22.88 23.10
C LEU A 261 -35.60 23.85 22.25
N GLU A 262 -36.59 23.34 21.53
CA GLU A 262 -37.42 24.21 20.69
C GLU A 262 -37.95 25.42 21.48
N ARG A 263 -38.29 25.22 22.75
CA ARG A 263 -38.77 26.36 23.54
C ARG A 263 -37.63 27.29 23.85
N LEU A 264 -36.43 26.74 23.94
CA LEU A 264 -35.28 27.58 24.21
C LEU A 264 -35.01 28.41 22.96
N LEU A 265 -35.15 27.78 21.80
CA LEU A 265 -34.93 28.45 20.54
C LEU A 265 -36.00 29.53 20.33
N LYS A 266 -37.25 29.16 20.58
CA LYS A 266 -38.36 30.07 20.44
C LYS A 266 -38.16 31.36 21.24
N VAL A 267 -37.47 31.26 22.37
CA VAL A 267 -37.26 32.44 23.20
C VAL A 267 -36.08 33.24 22.69
N LYS A 268 -34.99 32.55 22.41
CA LYS A 268 -33.79 33.19 21.92
C LYS A 268 -34.05 33.95 20.61
N HIS A 269 -34.80 33.33 19.70
CA HIS A 269 -35.09 33.94 18.42
C HIS A 269 -36.44 34.65 18.35
N ASP A 270 -37.12 34.72 19.50
CA ASP A 270 -38.40 35.40 19.57
C ASP A 270 -39.37 34.90 18.50
N PHE A 271 -39.43 33.59 18.30
CA PHE A 271 -40.35 33.01 17.33
C PHE A 271 -41.75 33.11 17.91
N LYS A 272 -42.73 33.25 17.02
CA LYS A 272 -44.12 33.35 17.44
C LYS A 272 -44.64 31.93 17.66
N ASN A 273 -44.43 31.08 16.66
CA ASN A 273 -44.87 29.69 16.72
C ASN A 273 -43.67 28.76 16.94
N ILE A 274 -43.80 27.85 17.89
CA ILE A 274 -42.73 26.92 18.21
C ILE A 274 -42.33 26.03 17.04
N LYS A 275 -43.18 25.96 16.02
CA LYS A 275 -42.87 25.15 14.84
C LYS A 275 -41.67 25.73 14.08
N ARG A 276 -41.27 26.94 14.43
CA ARG A 276 -40.14 27.60 13.79
C ARG A 276 -38.83 26.94 14.18
N ALA A 277 -38.83 26.28 15.35
CA ALA A 277 -37.62 25.64 15.87
C ALA A 277 -37.61 24.12 15.81
N ALA A 278 -38.76 23.52 15.52
CA ALA A 278 -38.86 22.08 15.47
C ALA A 278 -38.29 21.50 14.20
N ARG A 279 -38.09 20.19 14.22
CA ARG A 279 -37.61 19.48 13.05
C ARG A 279 -38.79 19.64 12.12
N SER A 280 -38.53 19.92 10.86
CA SER A 280 -39.61 20.14 9.92
C SER A 280 -39.06 20.24 8.52
N GLY A 281 -39.94 20.17 7.54
CA GLY A 281 -39.50 20.29 6.17
C GLY A 281 -39.95 21.64 5.64
N SER A 282 -40.69 22.37 6.48
CA SER A 282 -41.23 23.69 6.13
C SER A 282 -40.43 24.89 6.64
N TYR A 283 -39.50 24.64 7.54
CA TYR A 283 -38.68 25.70 8.08
C TYR A 283 -37.23 25.31 8.18
N TYR A 284 -36.36 26.31 8.21
CA TYR A 284 -34.95 26.08 8.37
C TYR A 284 -34.47 27.27 9.17
N ASN A 285 -34.11 27.01 10.41
CA ASN A 285 -33.65 28.04 11.32
C ASN A 285 -34.69 29.18 11.39
N GLY A 286 -35.96 28.78 11.33
CA GLY A 286 -37.05 29.75 11.43
C GLY A 286 -37.45 30.41 10.12
N ILE A 287 -36.86 29.97 9.02
CA ILE A 287 -37.15 30.54 7.71
C ILE A 287 -37.98 29.59 6.89
N SER A 288 -39.12 30.06 6.37
CA SER A 288 -39.98 29.23 5.54
C SER A 288 -39.21 28.67 4.35
N THR A 289 -39.42 27.40 4.03
CA THR A 289 -38.70 26.82 2.91
C THR A 289 -39.57 26.81 1.66
N ASN A 290 -40.80 27.26 1.79
CA ASN A 290 -41.70 27.33 0.66
C ASN A 290 -41.49 28.71 0.03
N LEU A 291 -40.53 28.80 -0.88
CA LEU A 291 -40.21 30.07 -1.53
C LEU A 291 -40.26 29.99 -3.06
N PRO B 25 -12.64 -27.18 35.20
CA PRO B 25 -14.03 -27.25 34.70
C PRO B 25 -14.14 -26.95 33.19
N ALA B 26 -15.04 -26.02 32.85
CA ALA B 26 -15.29 -25.61 31.47
C ALA B 26 -16.45 -24.66 31.55
N LEU B 27 -16.29 -23.48 30.97
CA LEU B 27 -17.31 -22.47 31.01
C LEU B 27 -18.61 -22.85 30.31
N THR B 28 -19.74 -22.62 30.98
CA THR B 28 -21.03 -22.91 30.37
C THR B 28 -21.32 -21.76 29.39
N LYS B 29 -22.30 -21.94 28.51
CA LYS B 29 -22.66 -20.90 27.55
C LYS B 29 -22.93 -19.59 28.28
N SER B 30 -23.79 -19.67 29.29
CA SER B 30 -24.17 -18.53 30.09
C SER B 30 -22.95 -17.79 30.64
N GLN B 31 -21.90 -18.54 30.98
CA GLN B 31 -20.70 -17.88 31.52
C GLN B 31 -19.79 -17.32 30.42
N THR B 32 -19.80 -17.93 29.24
CA THR B 32 -18.97 -17.40 28.16
C THR B 32 -19.57 -16.07 27.71
N ASP B 33 -20.87 -16.07 27.38
CA ASP B 33 -21.56 -14.86 26.95
C ASP B 33 -21.37 -13.76 27.97
N ARG B 34 -21.33 -14.16 29.24
CA ARG B 34 -21.15 -13.19 30.32
C ARG B 34 -19.76 -12.59 30.29
N LEU B 35 -18.75 -13.41 30.00
CA LEU B 35 -17.39 -12.91 29.93
C LEU B 35 -17.29 -12.05 28.69
N GLU B 36 -17.97 -12.46 27.62
CA GLU B 36 -17.97 -11.73 26.35
C GLU B 36 -18.40 -10.28 26.58
N VAL B 37 -19.51 -10.11 27.28
CA VAL B 37 -20.05 -8.80 27.58
C VAL B 37 -19.10 -7.92 28.39
N LEU B 38 -18.37 -8.51 29.34
CA LEU B 38 -17.48 -7.74 30.20
C LEU B 38 -16.11 -7.51 29.60
N LEU B 39 -15.86 -8.17 28.49
CA LEU B 39 -14.57 -8.09 27.81
C LEU B 39 -14.45 -6.87 26.89
N ASN B 40 -13.25 -6.29 26.86
CA ASN B 40 -12.98 -5.15 25.99
C ASN B 40 -11.90 -5.54 24.97
N PRO B 41 -12.05 -5.08 23.72
CA PRO B 41 -11.06 -5.42 22.68
C PRO B 41 -9.63 -5.15 23.15
N LYS B 42 -9.43 -4.04 23.83
CA LYS B 42 -8.10 -3.64 24.32
C LYS B 42 -7.62 -4.45 25.51
N ASP B 43 -8.46 -5.35 25.99
CA ASP B 43 -8.12 -6.16 27.16
C ASP B 43 -6.88 -7.01 27.02
N GLU B 44 -6.03 -6.95 28.05
CA GLU B 44 -4.85 -7.75 28.06
C GLU B 44 -5.26 -9.12 28.59
N ILE B 45 -6.01 -9.17 29.68
CA ILE B 45 -6.46 -10.43 30.31
C ILE B 45 -6.04 -11.73 29.62
N GLY B 50 -6.72 -22.77 33.58
CA GLY B 50 -6.69 -21.34 33.73
C GLY B 50 -7.35 -20.87 35.01
N LYS B 51 -8.04 -19.74 34.93
CA LYS B 51 -8.73 -19.17 36.09
C LYS B 51 -10.22 -19.53 36.05
N PRO B 52 -10.82 -19.78 37.23
CA PRO B 52 -12.25 -20.13 37.24
C PRO B 52 -13.09 -18.94 36.74
N PHE B 53 -14.38 -19.19 36.45
CA PHE B 53 -15.26 -18.13 35.99
C PHE B 53 -15.40 -16.96 36.94
N ARG B 54 -15.67 -17.23 38.21
CA ARG B 54 -15.88 -16.17 39.19
C ARG B 54 -14.69 -15.21 39.34
N GLU B 55 -13.49 -15.68 39.05
CA GLU B 55 -12.31 -14.83 39.16
C GLU B 55 -12.16 -13.98 37.91
N LEU B 56 -12.45 -14.59 36.77
CA LEU B 56 -12.40 -13.90 35.49
C LEU B 56 -13.46 -12.80 35.50
N GLU B 57 -14.67 -13.15 35.90
CA GLU B 57 -15.74 -12.16 35.94
C GLU B 57 -15.39 -11.03 36.92
N SER B 58 -14.93 -11.37 38.11
CA SER B 58 -14.60 -10.36 39.10
C SER B 58 -13.55 -9.34 38.62
N GLU B 59 -12.54 -9.85 37.94
CA GLU B 59 -11.48 -9.01 37.43
C GLU B 59 -11.94 -8.13 36.26
N LEU B 60 -12.75 -8.69 35.38
CA LEU B 60 -13.24 -7.94 34.23
C LEU B 60 -14.20 -6.85 34.68
N LEU B 61 -15.03 -7.15 35.67
CA LEU B 61 -15.96 -6.16 36.21
C LEU B 61 -15.14 -5.01 36.76
N SER B 62 -14.14 -5.34 37.56
CA SER B 62 -13.29 -4.34 38.18
C SER B 62 -12.76 -3.40 37.11
N ARG B 63 -12.26 -3.97 36.01
CA ARG B 63 -11.73 -3.15 34.91
C ARG B 63 -12.79 -2.27 34.25
N ARG B 64 -13.93 -2.86 33.92
CA ARG B 64 -15.02 -2.11 33.29
C ARG B 64 -15.44 -0.92 34.12
N LYS B 65 -15.54 -1.12 35.44
CA LYS B 65 -15.91 -0.05 36.33
C LYS B 65 -14.84 1.04 36.27
N LYS B 66 -13.58 0.63 36.21
CA LYS B 66 -12.49 1.60 36.15
C LYS B 66 -12.48 2.33 34.83
N ASP B 67 -12.81 1.60 33.76
CA ASP B 67 -12.88 2.19 32.43
C ASP B 67 -13.96 3.28 32.44
N LEU B 68 -15.07 2.97 33.10
CA LEU B 68 -16.19 3.90 33.20
C LEU B 68 -15.78 5.09 34.06
N GLN B 69 -15.04 4.80 35.12
CA GLN B 69 -14.58 5.83 36.03
C GLN B 69 -13.64 6.79 35.30
N GLN B 70 -12.86 6.26 34.37
CA GLN B 70 -11.92 7.06 33.59
C GLN B 70 -12.68 7.96 32.61
N ILE B 71 -13.63 7.39 31.89
CA ILE B 71 -14.43 8.13 30.94
C ILE B 71 -15.10 9.28 31.66
N TYR B 72 -15.65 8.98 32.83
CA TYR B 72 -16.34 9.98 33.63
C TYR B 72 -15.42 11.07 34.15
N ALA B 73 -14.17 10.70 34.38
CA ALA B 73 -13.21 11.65 34.92
C ALA B 73 -12.50 12.49 33.86
N GLU B 74 -12.33 11.93 32.66
CA GLU B 74 -11.62 12.64 31.60
C GLU B 74 -12.45 13.03 30.40
N GLU B 75 -13.01 12.04 29.71
CA GLU B 75 -13.84 12.30 28.54
C GLU B 75 -15.22 12.91 28.87
N ARG B 76 -16.17 12.02 29.13
CA ARG B 76 -17.55 12.35 29.47
C ARG B 76 -18.45 12.50 28.26
N GLU B 77 -17.88 12.45 27.07
CA GLU B 77 -18.68 12.56 25.87
C GLU B 77 -19.02 11.19 25.31
N ASN B 78 -20.27 11.05 24.92
CA ASN B 78 -20.75 9.82 24.36
C ASN B 78 -20.22 9.61 22.94
N TYR B 79 -19.70 8.42 22.67
CA TYR B 79 -19.15 8.10 21.36
C TYR B 79 -20.06 8.45 20.19
N LEU B 80 -21.34 8.09 20.30
CA LEU B 80 -22.28 8.33 19.23
C LEU B 80 -22.43 9.84 19.02
N GLY B 81 -22.61 10.56 20.13
CA GLY B 81 -22.74 12.01 20.05
C GLY B 81 -21.49 12.70 19.53
N LYS B 82 -20.33 12.33 20.07
CA LYS B 82 -19.06 12.94 19.67
C LYS B 82 -18.78 12.77 18.19
N LEU B 83 -18.94 11.56 17.68
CA LEU B 83 -18.72 11.31 16.27
C LEU B 83 -19.71 12.16 15.43
N GLU B 84 -20.97 12.21 15.86
CA GLU B 84 -21.97 13.01 15.14
C GLU B 84 -21.46 14.46 14.99
N ARG B 85 -20.96 15.01 16.09
CA ARG B 85 -20.44 16.37 16.10
C ARG B 85 -19.23 16.55 15.21
N GLU B 86 -18.35 15.56 15.20
CA GLU B 86 -17.14 15.62 14.39
C GLU B 86 -17.51 15.56 12.91
N ILE B 87 -18.49 14.72 12.58
CA ILE B 87 -18.95 14.57 11.22
C ILE B 87 -19.63 15.85 10.75
N THR B 88 -20.37 16.48 11.65
CA THR B 88 -21.09 17.72 11.39
C THR B 88 -20.12 18.88 11.09
N ARG B 89 -19.04 18.91 11.83
CA ARG B 89 -18.00 19.94 11.70
C ARG B 89 -17.36 19.80 10.31
N PHE B 90 -17.06 18.58 9.92
CA PHE B 90 -16.45 18.30 8.63
C PHE B 90 -17.31 18.81 7.48
N PHE B 91 -18.55 18.34 7.44
CA PHE B 91 -19.46 18.76 6.37
C PHE B 91 -19.85 20.22 6.41
N VAL B 92 -20.05 20.76 7.60
CA VAL B 92 -20.40 22.17 7.70
C VAL B 92 -19.22 23.04 7.25
N ASP B 93 -18.00 22.54 7.47
CA ASP B 93 -16.82 23.29 7.08
C ASP B 93 -16.64 23.21 5.57
N ARG B 94 -17.16 22.13 4.97
CA ARG B 94 -17.04 21.96 3.53
C ARG B 94 -18.23 22.53 2.75
N GLY B 95 -19.00 23.39 3.39
CA GLY B 95 -20.12 24.02 2.71
C GLY B 95 -21.48 23.32 2.66
N PHE B 96 -21.66 22.27 3.45
CA PHE B 96 -22.94 21.56 3.46
C PHE B 96 -23.83 22.16 4.54
N LEU B 97 -25.13 22.26 4.23
CA LEU B 97 -26.09 22.80 5.19
C LEU B 97 -26.54 21.65 6.08
N GLU B 98 -26.45 21.85 7.40
CA GLU B 98 -26.85 20.85 8.38
C GLU B 98 -28.38 20.73 8.50
N ILE B 99 -28.95 19.61 8.07
CA ILE B 99 -30.40 19.41 8.17
C ILE B 99 -30.82 18.60 9.40
N LYS B 100 -31.89 19.01 10.05
CA LYS B 100 -32.47 18.28 11.19
C LYS B 100 -33.95 18.07 10.86
N SER B 101 -34.28 16.97 10.19
CA SER B 101 -35.66 16.69 9.81
C SER B 101 -36.37 15.67 10.70
N PRO B 102 -37.70 15.57 10.56
CA PRO B 102 -38.49 14.63 11.38
C PRO B 102 -38.05 13.17 11.26
N ILE B 103 -38.17 12.45 12.36
CA ILE B 103 -37.82 11.04 12.35
C ILE B 103 -39.12 10.29 12.06
N LEU B 104 -40.21 10.88 12.53
CA LEU B 104 -41.54 10.32 12.36
C LEU B 104 -42.06 10.99 11.09
N ILE B 105 -42.11 10.23 10.01
CA ILE B 105 -42.54 10.77 8.72
C ILE B 105 -43.78 10.06 8.15
N PRO B 106 -44.45 10.70 7.17
CA PRO B 106 -45.64 10.10 6.56
C PRO B 106 -45.27 8.77 5.95
N LEU B 107 -46.21 7.82 5.95
CA LEU B 107 -45.98 6.50 5.38
C LEU B 107 -45.87 6.65 3.85
N GLU B 108 -46.44 7.73 3.34
CA GLU B 108 -46.39 8.04 1.90
C GLU B 108 -44.96 8.02 1.39
N TYR B 109 -44.07 8.77 2.05
CA TYR B 109 -42.67 8.83 1.65
C TYR B 109 -42.08 7.45 1.45
N ILE B 110 -42.51 6.48 2.25
CA ILE B 110 -42.00 5.13 2.12
C ILE B 110 -42.53 4.56 0.81
N GLU B 111 -43.76 4.93 0.48
CA GLU B 111 -44.38 4.48 -0.77
C GLU B 111 -43.65 5.18 -1.90
N ARG B 112 -43.56 6.50 -1.77
CA ARG B 112 -42.93 7.34 -2.78
C ARG B 112 -41.47 6.94 -3.06
N MET B 113 -40.84 6.28 -2.10
CA MET B 113 -39.46 5.86 -2.28
C MET B 113 -39.44 4.58 -3.09
N GLY B 114 -40.59 4.25 -3.65
CA GLY B 114 -40.69 3.04 -4.45
C GLY B 114 -40.49 1.80 -3.60
N ILE B 115 -41.13 1.79 -2.44
CA ILE B 115 -41.02 0.66 -1.52
C ILE B 115 -42.36 -0.07 -1.45
N ASP B 116 -42.51 -1.08 -2.31
CA ASP B 116 -43.74 -1.88 -2.36
C ASP B 116 -43.54 -3.19 -1.60
N GLN B 124 -39.88 -4.52 7.43
CA GLN B 124 -38.76 -3.87 8.09
C GLN B 124 -39.09 -2.45 8.50
N ILE B 125 -40.33 -2.03 8.25
CA ILE B 125 -40.75 -0.69 8.61
C ILE B 125 -41.54 -0.66 9.91
N PHE B 126 -41.18 0.27 10.78
CA PHE B 126 -41.89 0.42 12.04
C PHE B 126 -43.05 1.37 11.78
N ARG B 127 -44.25 0.82 11.69
CA ARG B 127 -45.41 1.65 11.46
C ARG B 127 -45.83 2.30 12.76
N VAL B 128 -46.35 3.51 12.66
CA VAL B 128 -46.83 4.26 13.80
C VAL B 128 -48.18 4.83 13.39
N ASP B 129 -49.22 4.55 14.18
CA ASP B 129 -50.54 5.07 13.88
C ASP B 129 -51.07 4.72 12.50
N LYS B 130 -51.88 5.65 11.98
CA LYS B 130 -52.54 5.55 10.69
C LYS B 130 -51.66 5.63 9.44
N ASN B 131 -51.01 6.77 9.22
CA ASN B 131 -50.20 6.94 8.03
C ASN B 131 -48.76 7.38 8.27
N PHE B 132 -48.26 7.19 9.48
CA PHE B 132 -46.88 7.59 9.74
C PHE B 132 -46.03 6.40 10.15
N CYS B 133 -44.72 6.58 10.15
CA CYS B 133 -43.79 5.53 10.50
C CYS B 133 -42.48 6.17 10.94
N LEU B 134 -41.53 5.34 11.34
CA LEU B 134 -40.22 5.84 11.75
C LEU B 134 -39.35 5.76 10.49
N ARG B 135 -38.78 6.88 10.09
CA ARG B 135 -37.93 6.92 8.91
C ARG B 135 -36.93 5.76 8.90
N PRO B 136 -36.94 4.94 7.85
CA PRO B 136 -36.01 3.81 7.72
C PRO B 136 -34.77 4.30 7.00
N MET B 137 -34.81 5.55 6.57
CA MET B 137 -33.71 6.18 5.85
C MET B 137 -33.91 7.69 5.82
N LEU B 138 -32.81 8.41 5.56
CA LEU B 138 -32.84 9.86 5.51
C LEU B 138 -33.24 10.43 4.13
N ALA B 139 -33.18 9.61 3.09
CA ALA B 139 -33.49 10.05 1.72
C ALA B 139 -34.75 10.84 1.47
N PRO B 140 -35.93 10.31 1.88
CA PRO B 140 -37.17 11.05 1.65
C PRO B 140 -37.18 12.52 2.11
N ASN B 141 -36.75 12.76 3.33
CA ASN B 141 -36.71 14.12 3.87
C ASN B 141 -35.63 14.99 3.20
N LEU B 142 -34.56 14.37 2.75
CA LEU B 142 -33.50 15.15 2.11
C LEU B 142 -33.96 15.59 0.73
N TYR B 143 -34.74 14.73 0.06
CA TYR B 143 -35.29 15.03 -1.27
C TYR B 143 -36.12 16.30 -1.22
N ASN B 144 -36.97 16.41 -0.21
CA ASN B 144 -37.81 17.60 -0.10
C ASN B 144 -36.98 18.85 0.20
N TYR B 145 -35.81 18.66 0.79
CA TYR B 145 -34.96 19.79 1.10
C TYR B 145 -34.21 20.20 -0.15
N LEU B 146 -33.80 19.23 -0.97
CA LEU B 146 -33.09 19.51 -2.20
C LEU B 146 -34.00 20.31 -3.11
N ARG B 147 -35.22 19.81 -3.30
CA ARG B 147 -36.19 20.47 -4.15
C ARG B 147 -36.48 21.89 -3.69
N LYS B 148 -36.90 22.05 -2.44
CA LYS B 148 -37.23 23.36 -1.90
C LYS B 148 -36.06 24.33 -1.89
N LEU B 149 -34.93 23.91 -1.32
CA LEU B 149 -33.75 24.74 -1.23
C LEU B 149 -33.25 25.13 -2.61
N ASP B 150 -33.55 24.31 -3.60
CA ASP B 150 -33.12 24.57 -4.96
C ASP B 150 -33.74 25.84 -5.54
N ARG B 151 -34.66 26.45 -4.79
CA ARG B 151 -35.33 27.67 -5.22
C ARG B 151 -34.78 28.88 -4.51
N ALA B 152 -33.99 28.67 -3.47
CA ALA B 152 -33.45 29.80 -2.74
C ALA B 152 -31.94 29.83 -2.74
N LEU B 153 -31.34 28.68 -2.98
CA LEU B 153 -29.90 28.61 -2.94
C LEU B 153 -29.27 28.38 -4.30
N PRO B 154 -28.15 29.05 -4.58
CA PRO B 154 -27.43 28.93 -5.84
C PRO B 154 -26.78 27.56 -5.97
N ASP B 155 -26.77 26.99 -7.16
CA ASP B 155 -26.14 25.70 -7.33
C ASP B 155 -24.68 25.92 -6.96
N PRO B 156 -24.03 24.90 -6.37
CA PRO B 156 -24.68 23.62 -6.08
C PRO B 156 -25.30 23.63 -4.68
N ILE B 157 -26.30 22.76 -4.48
CA ILE B 157 -26.97 22.63 -3.18
C ILE B 157 -26.28 21.48 -2.42
N LYS B 158 -25.66 21.81 -1.30
CA LYS B 158 -24.95 20.83 -0.49
C LYS B 158 -25.63 20.73 0.86
N ILE B 159 -26.23 19.59 1.13
CA ILE B 159 -26.91 19.38 2.42
C ILE B 159 -26.57 18.04 3.05
N PHE B 160 -26.83 17.92 4.34
CA PHE B 160 -26.56 16.66 5.01
C PHE B 160 -27.35 16.54 6.30
N GLU B 161 -27.60 15.30 6.69
CA GLU B 161 -28.30 15.06 7.93
C GLU B 161 -27.75 13.83 8.64
N ILE B 162 -27.70 13.91 9.96
CA ILE B 162 -27.23 12.82 10.78
C ILE B 162 -28.35 12.54 11.77
N GLY B 163 -28.78 11.28 11.85
CA GLY B 163 -29.84 10.98 12.78
C GLY B 163 -30.32 9.55 12.83
N PRO B 164 -31.20 9.25 13.78
CA PRO B 164 -31.77 7.92 14.00
C PRO B 164 -32.63 7.45 12.84
N CYS B 165 -32.48 6.19 12.50
CA CYS B 165 -33.26 5.57 11.46
C CYS B 165 -33.68 4.21 12.02
N TYR B 166 -34.83 3.72 11.60
CA TYR B 166 -35.34 2.47 12.14
C TYR B 166 -35.67 1.40 11.11
N ARG B 167 -35.30 0.16 11.43
CA ARG B 167 -35.56 -0.99 10.56
C ARG B 167 -35.64 -2.29 11.35
N LYS B 168 -36.78 -2.97 11.23
CA LYS B 168 -36.96 -4.24 11.91
C LYS B 168 -35.90 -5.18 11.34
N GLU B 169 -34.85 -5.42 12.11
CA GLU B 169 -33.76 -6.28 11.67
C GLU B 169 -33.74 -7.58 12.46
N ASP B 171 -29.39 -9.11 12.25
CA ASP B 171 -28.00 -9.55 12.21
C ASP B 171 -27.10 -8.64 13.02
N GLY B 172 -27.38 -8.56 14.33
CA GLY B 172 -26.62 -7.72 15.24
C GLY B 172 -25.12 -7.94 15.24
N LYS B 173 -24.49 -7.60 14.12
CA LYS B 173 -23.05 -7.73 13.92
C LYS B 173 -22.76 -6.66 12.89
N GLU B 174 -23.81 -6.26 12.18
CA GLU B 174 -23.75 -5.25 11.15
C GLU B 174 -25.04 -4.43 11.21
N HIS B 175 -26.13 -5.08 11.63
CA HIS B 175 -27.44 -4.43 11.69
C HIS B 175 -28.10 -4.30 13.09
N LEU B 176 -28.74 -3.15 13.29
CA LEU B 176 -29.44 -2.84 14.51
C LEU B 176 -30.84 -2.46 14.06
N GLU B 177 -31.77 -2.28 14.99
CA GLU B 177 -33.11 -1.87 14.60
C GLU B 177 -33.12 -0.36 14.61
N GLU B 178 -32.41 0.20 15.59
CA GLU B 178 -32.29 1.64 15.74
C GLU B 178 -30.83 2.02 15.50
N PHE B 179 -30.54 2.53 14.30
CA PHE B 179 -29.19 2.92 13.93
C PHE B 179 -29.12 4.41 13.61
N THR B 180 -27.91 4.93 13.47
CA THR B 180 -27.72 6.35 13.19
C THR B 180 -27.14 6.53 11.81
N MET B 181 -27.89 7.23 10.96
CA MET B 181 -27.48 7.47 9.59
C MET B 181 -26.94 8.86 9.32
N LEU B 182 -25.90 8.89 8.49
CA LEU B 182 -25.29 10.13 8.02
C LEU B 182 -25.62 10.12 6.53
N ASN B 183 -26.32 11.16 6.08
CA ASN B 183 -26.66 11.25 4.67
C ASN B 183 -26.29 12.62 4.16
N PHE B 184 -25.50 12.66 3.09
CA PHE B 184 -25.13 13.93 2.52
C PHE B 184 -25.33 13.90 1.02
N CYS B 185 -25.50 15.07 0.42
CA CYS B 185 -25.67 15.12 -1.01
C CYS B 185 -25.48 16.51 -1.57
N GLN B 186 -24.95 16.53 -2.79
CA GLN B 186 -24.67 17.76 -3.51
C GLN B 186 -25.41 17.74 -4.85
N MET B 187 -26.16 18.80 -5.13
CA MET B 187 -26.92 18.87 -6.38
C MET B 187 -26.52 20.05 -7.24
N GLY B 188 -26.37 19.79 -8.53
CA GLY B 188 -25.98 20.83 -9.47
C GLY B 188 -25.46 20.21 -10.77
N SER B 189 -25.10 21.05 -11.74
CA SER B 189 -24.61 20.53 -13.00
C SER B 189 -23.18 20.00 -12.84
N GLY B 190 -22.87 18.93 -13.57
CA GLY B 190 -21.53 18.37 -13.50
C GLY B 190 -21.22 17.38 -12.39
N CYS B 191 -22.11 17.22 -11.40
CA CYS B 191 -21.84 16.27 -10.33
C CYS B 191 -21.55 14.89 -10.91
N THR B 192 -20.46 14.28 -10.46
CA THR B 192 -20.07 12.98 -10.97
C THR B 192 -19.48 12.05 -9.91
N ARG B 193 -19.11 10.85 -10.33
CA ARG B 193 -18.51 9.85 -9.44
C ARG B 193 -17.27 10.47 -8.86
N GLU B 194 -16.46 11.07 -9.72
CA GLU B 194 -15.23 11.71 -9.27
C GLU B 194 -15.52 12.58 -8.06
N ASN B 195 -16.36 13.60 -8.25
CA ASN B 195 -16.72 14.48 -7.14
C ASN B 195 -17.04 13.63 -5.92
N LEU B 196 -17.98 12.71 -6.09
CA LEU B 196 -18.41 11.82 -5.02
C LEU B 196 -17.22 11.12 -4.38
N GLU B 197 -16.40 10.47 -5.18
CA GLU B 197 -15.25 9.77 -4.64
C GLU B 197 -14.33 10.68 -3.87
N SER B 198 -14.32 11.95 -4.23
CA SER B 198 -13.46 12.93 -3.58
C SER B 198 -13.90 13.16 -2.13
N ILE B 199 -15.17 13.51 -1.93
CA ILE B 199 -15.71 13.78 -0.60
C ILE B 199 -15.57 12.57 0.31
N ILE B 200 -15.97 11.41 -0.21
CA ILE B 200 -15.87 10.17 0.55
C ILE B 200 -14.45 9.97 1.05
N THR B 201 -13.48 10.23 0.19
CA THR B 201 -12.08 10.05 0.58
C THR B 201 -11.62 11.07 1.61
N ASP B 202 -11.81 12.36 1.33
CA ASP B 202 -11.41 13.39 2.28
C ASP B 202 -12.09 13.11 3.60
N PHE B 203 -13.33 12.62 3.53
CA PHE B 203 -14.11 12.33 4.71
C PHE B 203 -13.53 11.20 5.54
N LEU B 204 -13.44 10.00 4.96
CA LEU B 204 -12.90 8.87 5.70
C LEU B 204 -11.43 9.09 6.04
N ASN B 205 -10.71 9.85 5.23
CA ASN B 205 -9.31 10.13 5.53
C ASN B 205 -9.31 10.98 6.79
N HIS B 206 -10.28 11.89 6.86
CA HIS B 206 -10.43 12.77 8.00
C HIS B 206 -10.74 11.95 9.25
N LEU B 207 -11.76 11.11 9.17
CA LEU B 207 -12.14 10.28 10.32
C LEU B 207 -10.98 9.38 10.72
N GLY B 208 -10.19 8.97 9.75
CA GLY B 208 -9.05 8.12 10.02
C GLY B 208 -9.43 6.66 9.92
N ILE B 209 -10.19 6.34 8.88
CA ILE B 209 -10.64 4.98 8.66
C ILE B 209 -10.26 4.50 7.28
N ASP B 210 -9.71 3.29 7.22
CA ASP B 210 -9.30 2.66 5.97
C ASP B 210 -10.58 2.32 5.21
N PHE B 211 -10.49 2.25 3.88
CA PHE B 211 -11.67 1.91 3.11
C PHE B 211 -11.33 1.41 1.71
N LYS B 212 -12.33 0.92 1.01
CA LYS B 212 -12.16 0.39 -0.34
C LYS B 212 -13.41 0.71 -1.15
N ILE B 213 -13.28 1.57 -2.15
CA ILE B 213 -14.44 1.94 -3.00
C ILE B 213 -14.65 0.93 -4.12
N VAL B 214 -15.86 0.40 -4.21
CA VAL B 214 -16.20 -0.58 -5.24
C VAL B 214 -17.66 -0.49 -5.67
N THR B 224 -23.78 4.06 -8.33
CA THR B 224 -23.67 3.24 -7.13
C THR B 224 -22.23 2.89 -6.77
N LEU B 225 -21.95 2.89 -5.48
CA LEU B 225 -20.65 2.56 -4.94
C LEU B 225 -20.88 1.97 -3.55
N ASP B 226 -19.97 1.10 -3.11
CA ASP B 226 -20.08 0.50 -1.79
C ASP B 226 -18.79 0.76 -1.05
N VAL B 227 -18.73 1.82 -0.26
CA VAL B 227 -17.52 2.12 0.48
C VAL B 227 -17.31 0.98 1.46
N MET B 228 -16.34 0.13 1.17
CA MET B 228 -16.05 -1.01 2.02
C MET B 228 -14.81 -0.80 2.89
N HIS B 229 -14.82 -1.44 4.05
CA HIS B 229 -13.69 -1.44 4.97
C HIS B 229 -13.61 -2.91 5.30
N GLY B 230 -12.69 -3.62 4.66
CA GLY B 230 -12.63 -5.04 4.86
C GLY B 230 -13.84 -5.46 4.06
N ASP B 231 -14.65 -6.38 4.56
CA ASP B 231 -15.84 -6.74 3.79
C ASP B 231 -17.05 -6.14 4.49
N LEU B 232 -16.81 -5.24 5.44
CA LEU B 232 -17.89 -4.57 6.15
C LEU B 232 -18.29 -3.36 5.32
N GLU B 233 -19.56 -3.30 4.92
CA GLU B 233 -20.03 -2.18 4.15
C GLU B 233 -20.08 -0.96 5.05
N LEU B 234 -19.33 0.06 4.68
CA LEU B 234 -19.26 1.28 5.46
C LEU B 234 -20.35 2.23 5.00
N SER B 235 -20.60 2.26 3.69
CA SER B 235 -21.60 3.15 3.11
C SER B 235 -22.04 2.75 1.71
N SER B 236 -23.19 3.29 1.30
CA SER B 236 -23.74 3.05 -0.02
C SER B 236 -23.93 4.43 -0.63
N ALA B 237 -23.20 4.71 -1.71
CA ALA B 237 -23.29 6.02 -2.37
C ALA B 237 -23.83 5.86 -3.78
N VAL B 238 -24.37 6.95 -4.33
CA VAL B 238 -24.91 6.90 -5.67
C VAL B 238 -24.63 8.18 -6.43
N VAL B 239 -24.52 8.08 -7.74
CA VAL B 239 -24.31 9.27 -8.56
C VAL B 239 -25.62 9.51 -9.32
N GLY B 240 -26.25 10.64 -9.07
CA GLY B 240 -27.51 10.94 -9.74
C GLY B 240 -27.32 11.25 -11.21
N PRO B 241 -28.42 11.37 -11.99
CA PRO B 241 -29.82 11.23 -11.56
C PRO B 241 -30.32 9.79 -11.61
N ILE B 242 -31.38 9.51 -10.85
CA ILE B 242 -31.97 8.17 -10.83
C ILE B 242 -33.47 8.34 -11.05
N PRO B 243 -34.13 7.33 -11.64
CA PRO B 243 -35.56 7.33 -11.93
C PRO B 243 -36.39 7.88 -10.78
N LEU B 244 -36.00 7.52 -9.57
CA LEU B 244 -36.70 7.94 -8.37
C LEU B 244 -36.73 9.46 -8.20
N ASP B 245 -35.77 10.15 -8.82
CA ASP B 245 -35.69 11.61 -8.74
C ASP B 245 -36.99 12.23 -9.25
N ARG B 246 -37.55 11.59 -10.27
CA ARG B 246 -38.79 12.03 -10.87
C ARG B 246 -39.90 12.04 -9.86
N GLU B 247 -39.84 11.11 -8.92
CA GLU B 247 -40.87 10.99 -7.89
C GLU B 247 -40.83 12.10 -6.85
N TRP B 248 -39.73 12.84 -6.77
CA TRP B 248 -39.60 13.92 -5.78
C TRP B 248 -39.39 15.32 -6.34
N GLY B 249 -39.43 15.47 -7.66
CA GLY B 249 -39.26 16.78 -8.25
C GLY B 249 -37.84 17.28 -8.41
N ILE B 250 -36.87 16.36 -8.37
CA ILE B 250 -35.48 16.71 -8.53
C ILE B 250 -35.14 16.54 -10.01
N ASP B 251 -34.66 17.62 -10.62
CA ASP B 251 -34.33 17.59 -12.04
C ASP B 251 -32.88 17.92 -12.37
N LYS B 252 -32.03 17.94 -11.35
CA LYS B 252 -30.62 18.23 -11.55
C LYS B 252 -29.79 17.03 -11.11
N PRO B 253 -28.59 16.88 -11.68
CA PRO B 253 -27.80 15.72 -11.23
C PRO B 253 -27.39 15.93 -9.77
N TRP B 254 -26.86 14.88 -9.16
CA TRP B 254 -26.46 14.99 -7.76
C TRP B 254 -25.69 13.78 -7.29
N ILE B 255 -25.01 13.94 -6.17
CA ILE B 255 -24.24 12.87 -5.59
C ILE B 255 -24.54 12.82 -4.10
N GLY B 256 -24.62 11.60 -3.56
CA GLY B 256 -24.90 11.45 -2.16
C GLY B 256 -24.44 10.12 -1.64
N ALA B 257 -24.20 10.06 -0.34
CA ALA B 257 -23.76 8.83 0.30
C ALA B 257 -24.35 8.77 1.69
N GLY B 258 -24.60 7.55 2.14
CA GLY B 258 -25.14 7.35 3.47
C GLY B 258 -24.23 6.43 4.25
N PHE B 259 -23.80 6.87 5.42
CA PHE B 259 -22.93 6.08 6.30
C PHE B 259 -23.65 5.79 7.61
N GLY B 260 -23.37 4.63 8.20
CA GLY B 260 -23.97 4.28 9.47
C GLY B 260 -22.95 4.61 10.53
N LEU B 261 -23.21 5.61 11.36
CA LEU B 261 -22.25 5.97 12.39
C LEU B 261 -21.86 4.82 13.33
N GLU B 262 -22.77 3.87 13.57
CA GLU B 262 -22.43 2.76 14.48
C GLU B 262 -21.35 1.90 13.83
N ARG B 263 -21.40 1.73 12.52
CA ARG B 263 -20.40 0.92 11.84
C ARG B 263 -19.06 1.63 11.83
N LEU B 264 -19.11 2.96 11.72
CA LEU B 264 -17.90 3.77 11.72
C LEU B 264 -17.26 3.59 13.09
N LEU B 265 -18.09 3.56 14.14
CA LEU B 265 -17.61 3.37 15.50
C LEU B 265 -17.14 1.94 15.68
N LYS B 266 -17.89 1.00 15.12
CA LYS B 266 -17.54 -0.41 15.23
C LYS B 266 -16.11 -0.57 14.76
N VAL B 267 -15.83 -0.02 13.59
CA VAL B 267 -14.50 -0.10 13.01
C VAL B 267 -13.49 0.74 13.75
N LYS B 268 -13.90 1.92 14.18
CA LYS B 268 -12.97 2.80 14.88
C LYS B 268 -12.53 2.27 16.24
N HIS B 269 -13.36 1.45 16.88
CA HIS B 269 -13.02 0.93 18.20
C HIS B 269 -12.88 -0.58 18.23
N ASP B 270 -12.91 -1.19 17.05
CA ASP B 270 -12.75 -2.62 16.89
C ASP B 270 -13.71 -3.46 17.74
N PHE B 271 -14.99 -3.12 17.70
CA PHE B 271 -16.01 -3.84 18.45
C PHE B 271 -16.42 -5.10 17.70
N LYS B 272 -16.65 -6.19 18.42
CA LYS B 272 -17.10 -7.43 17.79
C LYS B 272 -18.57 -7.23 17.43
N ASN B 273 -19.33 -6.70 18.37
CA ASN B 273 -20.74 -6.47 18.14
C ASN B 273 -21.10 -4.99 18.07
N ILE B 274 -21.66 -4.60 16.92
CA ILE B 274 -22.06 -3.23 16.66
C ILE B 274 -22.97 -2.68 17.76
N LYS B 275 -23.70 -3.56 18.46
CA LYS B 275 -24.59 -3.08 19.52
C LYS B 275 -23.81 -2.28 20.56
N ARG B 276 -22.51 -2.55 20.66
CA ARG B 276 -21.66 -1.82 21.60
C ARG B 276 -21.51 -0.35 21.21
N ALA B 277 -21.93 -0.03 19.99
CA ALA B 277 -21.83 1.34 19.47
C ALA B 277 -23.18 2.04 19.42
N ALA B 278 -24.24 1.24 19.46
CA ALA B 278 -25.60 1.73 19.36
C ALA B 278 -26.18 2.39 20.60
N ARG B 279 -27.36 2.98 20.43
CA ARG B 279 -28.05 3.58 21.57
C ARG B 279 -28.51 2.40 22.41
N SER B 280 -28.35 2.48 23.72
CA SER B 280 -28.76 1.38 24.57
C SER B 280 -28.45 1.73 26.01
N GLY B 281 -28.93 0.90 26.92
CA GLY B 281 -28.67 1.11 28.33
C GLY B 281 -27.76 -0.01 28.80
N SER B 282 -27.37 -0.86 27.86
CA SER B 282 -26.50 -2.02 28.10
C SER B 282 -25.01 -1.78 27.86
N TYR B 283 -24.70 -0.68 27.20
CA TYR B 283 -23.31 -0.33 26.92
C TYR B 283 -23.13 1.17 26.92
N TYR B 284 -21.97 1.62 27.36
CA TYR B 284 -21.67 3.03 27.33
C TYR B 284 -20.31 3.16 26.71
N ASN B 285 -20.23 3.78 25.55
CA ASN B 285 -18.96 3.91 24.86
C ASN B 285 -18.33 2.54 24.87
N GLY B 286 -19.12 1.54 24.48
CA GLY B 286 -18.65 0.18 24.40
C GLY B 286 -18.44 -0.59 25.68
N ILE B 287 -18.53 0.08 26.83
CA ILE B 287 -18.33 -0.58 28.11
C ILE B 287 -19.64 -1.05 28.71
N SER B 288 -19.75 -2.36 28.92
CA SER B 288 -20.96 -2.93 29.50
C SER B 288 -21.34 -2.15 30.73
N THR B 289 -22.64 -1.98 30.93
CA THR B 289 -23.16 -1.24 32.06
C THR B 289 -23.82 -2.20 33.05
N ASN B 290 -23.88 -3.47 32.66
CA ASN B 290 -24.47 -4.51 33.51
C ASN B 290 -23.36 -5.05 34.39
N LEU B 291 -22.90 -4.18 35.29
CA LEU B 291 -21.83 -4.49 36.22
C LEU B 291 -22.37 -4.71 37.64
N LEU C 27 34.94 20.65 7.33
CA LEU C 27 33.80 20.59 6.39
C LEU C 27 34.27 20.64 4.93
N THR C 28 35.52 20.24 4.71
CA THR C 28 36.14 20.25 3.39
C THR C 28 35.38 19.44 2.34
N LYS C 29 35.36 19.96 1.12
CA LYS C 29 34.69 19.29 0.02
C LYS C 29 35.35 17.93 -0.22
N SER C 30 36.62 17.82 0.18
CA SER C 30 37.36 16.58 0.03
C SER C 30 36.93 15.60 1.13
N GLN C 31 36.70 16.14 2.32
CA GLN C 31 36.29 15.31 3.45
C GLN C 31 34.88 14.78 3.20
N THR C 32 34.03 15.66 2.68
CA THR C 32 32.64 15.32 2.37
C THR C 32 32.55 14.17 1.37
N ASP C 33 33.43 14.17 0.38
CA ASP C 33 33.42 13.10 -0.61
C ASP C 33 33.95 11.81 -0.03
N ARG C 34 34.84 11.92 0.95
CA ARG C 34 35.39 10.72 1.58
C ARG C 34 34.29 10.04 2.38
N LEU C 35 33.49 10.85 3.04
CA LEU C 35 32.40 10.34 3.85
C LEU C 35 31.28 9.73 3.01
N GLU C 36 30.94 10.38 1.90
CA GLU C 36 29.88 9.87 1.04
C GLU C 36 30.28 8.55 0.44
N VAL C 37 31.56 8.40 0.14
CA VAL C 37 32.06 7.18 -0.43
C VAL C 37 32.03 6.06 0.59
N LEU C 38 31.99 6.42 1.86
CA LEU C 38 31.99 5.43 2.93
C LEU C 38 30.63 5.10 3.49
N LEU C 39 29.67 5.98 3.30
CA LEU C 39 28.33 5.75 3.81
C LEU C 39 27.51 4.82 2.94
N ASN C 40 26.49 4.22 3.54
CA ASN C 40 25.61 3.32 2.81
C ASN C 40 24.20 3.76 3.08
N PRO C 41 23.29 3.52 2.12
CA PRO C 41 21.89 3.92 2.26
C PRO C 41 21.26 3.63 3.61
N LYS C 42 21.73 2.59 4.29
CA LYS C 42 21.17 2.20 5.58
C LYS C 42 21.90 2.71 6.82
N ASP C 43 22.44 3.93 6.76
CA ASP C 43 23.13 4.52 7.90
C ASP C 43 22.33 5.69 8.47
N GLU C 44 22.71 6.15 9.66
CA GLU C 44 22.03 7.26 10.32
C GLU C 44 22.94 7.99 11.30
N SER C 49 24.94 14.66 12.09
CA SER C 49 25.30 15.49 10.96
C SER C 49 26.36 16.52 11.36
N GLY C 50 26.15 17.16 12.50
CA GLY C 50 27.09 18.17 12.97
C GLY C 50 28.16 17.62 13.90
N LYS C 51 29.28 17.19 13.31
CA LYS C 51 30.41 16.62 14.07
C LYS C 51 31.72 16.69 13.25
N PRO C 52 32.87 16.45 13.90
CA PRO C 52 34.20 16.49 13.24
C PRO C 52 34.44 15.36 12.23
N PHE C 53 35.24 15.64 11.21
CA PHE C 53 35.53 14.66 10.15
C PHE C 53 36.23 13.38 10.58
N ARG C 54 37.35 13.52 11.26
CA ARG C 54 38.12 12.36 11.70
C ARG C 54 37.28 11.30 12.41
N GLU C 55 36.41 11.71 13.33
CA GLU C 55 35.59 10.76 14.06
C GLU C 55 34.53 10.12 13.16
N LEU C 56 34.01 10.90 12.23
CA LEU C 56 33.00 10.39 11.31
C LEU C 56 33.61 9.36 10.34
N GLU C 57 34.77 9.69 9.81
CA GLU C 57 35.45 8.79 8.89
C GLU C 57 35.72 7.46 9.59
N SER C 58 36.26 7.54 10.80
CA SER C 58 36.59 6.35 11.58
C SER C 58 35.41 5.44 11.83
N GLU C 59 34.27 6.04 12.20
CA GLU C 59 33.06 5.27 12.47
C GLU C 59 32.63 4.52 11.21
N LEU C 60 32.57 5.25 10.09
CA LEU C 60 32.18 4.69 8.81
C LEU C 60 33.14 3.60 8.36
N LEU C 61 34.41 3.80 8.67
CA LEU C 61 35.45 2.83 8.32
C LEU C 61 35.27 1.50 9.04
N SER C 62 35.09 1.58 10.36
CA SER C 62 34.90 0.39 11.17
C SER C 62 33.66 -0.33 10.69
N ARG C 63 32.59 0.44 10.48
CA ARG C 63 31.33 -0.12 10.02
C ARG C 63 31.51 -0.86 8.69
N ARG C 64 32.16 -0.19 7.75
CA ARG C 64 32.40 -0.78 6.43
C ARG C 64 33.25 -2.03 6.48
N LYS C 65 34.21 -2.05 7.40
CA LYS C 65 35.08 -3.21 7.55
C LYS C 65 34.26 -4.36 8.07
N LYS C 66 33.54 -4.15 9.16
CA LYS C 66 32.73 -5.21 9.71
C LYS C 66 31.66 -5.61 8.71
N ASP C 67 31.09 -4.63 8.01
CA ASP C 67 30.09 -4.89 6.99
C ASP C 67 30.67 -5.92 6.03
N LEU C 68 31.86 -5.60 5.53
CA LEU C 68 32.56 -6.45 4.59
C LEU C 68 32.97 -7.78 5.22
N GLN C 69 33.24 -7.75 6.53
CA GLN C 69 33.64 -8.96 7.25
C GLN C 69 32.45 -9.91 7.38
N GLN C 70 31.26 -9.33 7.54
CA GLN C 70 30.06 -10.14 7.65
C GLN C 70 29.86 -10.84 6.31
N ILE C 71 30.07 -10.12 5.21
CA ILE C 71 29.91 -10.71 3.89
C ILE C 71 30.90 -11.85 3.70
N TYR C 72 32.15 -11.62 4.06
CA TYR C 72 33.18 -12.63 3.91
C TYR C 72 32.83 -13.86 4.75
N ALA C 73 32.17 -13.62 5.88
CA ALA C 73 31.77 -14.69 6.77
C ALA C 73 30.54 -15.47 6.31
N GLU C 74 29.41 -14.79 6.19
CA GLU C 74 28.17 -15.45 5.82
C GLU C 74 27.67 -15.32 4.38
N GLU C 75 28.20 -14.35 3.64
CA GLU C 75 27.73 -14.18 2.27
C GLU C 75 28.68 -14.72 1.21
N ARG C 76 29.69 -13.94 0.88
CA ARG C 76 30.68 -14.29 -0.12
C ARG C 76 30.16 -14.29 -1.56
N GLU C 77 28.89 -14.00 -1.75
CA GLU C 77 28.34 -13.95 -3.09
C GLU C 77 28.26 -12.52 -3.59
N ASN C 78 28.70 -12.30 -4.83
CA ASN C 78 28.69 -10.96 -5.43
C ASN C 78 27.31 -10.54 -5.89
N TYR C 79 26.96 -9.29 -5.62
CA TYR C 79 25.65 -8.78 -6.01
C TYR C 79 25.32 -9.01 -7.48
N LEU C 80 26.18 -8.52 -8.36
CA LEU C 80 25.97 -8.65 -9.80
C LEU C 80 25.96 -10.10 -10.26
N GLY C 81 26.74 -10.96 -9.62
CA GLY C 81 26.75 -12.35 -10.01
C GLY C 81 25.48 -13.07 -9.55
N LYS C 82 25.01 -12.70 -8.36
CA LYS C 82 23.83 -13.33 -7.77
C LYS C 82 22.53 -12.99 -8.51
N LEU C 83 22.33 -11.72 -8.82
CA LEU C 83 21.15 -11.28 -9.53
C LEU C 83 21.11 -11.98 -10.88
N GLU C 84 22.27 -12.09 -11.52
CA GLU C 84 22.29 -12.74 -12.81
C GLU C 84 21.85 -14.19 -12.68
N ARG C 85 22.26 -14.84 -11.59
CA ARG C 85 21.89 -16.23 -11.35
C ARG C 85 20.39 -16.31 -11.04
N GLU C 86 19.89 -15.40 -10.20
CA GLU C 86 18.48 -15.40 -9.89
C GLU C 86 17.64 -15.14 -11.15
N ILE C 87 18.06 -14.17 -11.97
CA ILE C 87 17.32 -13.86 -13.18
C ILE C 87 17.36 -15.05 -14.12
N THR C 88 18.53 -15.67 -14.26
CA THR C 88 18.63 -16.83 -15.14
C THR C 88 17.62 -17.92 -14.73
N ARG C 89 17.46 -18.12 -13.43
CA ARG C 89 16.55 -19.12 -12.90
C ARG C 89 15.11 -18.74 -13.25
N PHE C 90 14.74 -17.51 -12.91
CA PHE C 90 13.42 -17.00 -13.18
C PHE C 90 12.97 -17.32 -14.61
N PHE C 91 13.85 -17.05 -15.56
CA PHE C 91 13.53 -17.30 -16.95
C PHE C 91 13.67 -18.75 -17.39
N VAL C 92 14.72 -19.42 -16.94
CA VAL C 92 14.87 -20.82 -17.31
C VAL C 92 13.65 -21.61 -16.78
N ASP C 93 13.20 -21.29 -15.57
CA ASP C 93 12.04 -21.98 -15.02
C ASP C 93 10.74 -21.56 -15.68
N ARG C 94 10.82 -20.73 -16.72
CA ARG C 94 9.63 -20.30 -17.41
C ARG C 94 9.68 -20.70 -18.88
N GLY C 95 10.59 -21.61 -19.20
CA GLY C 95 10.71 -22.06 -20.58
C GLY C 95 11.66 -21.29 -21.51
N PHE C 96 12.42 -20.34 -20.99
CA PHE C 96 13.34 -19.58 -21.85
C PHE C 96 14.71 -20.25 -21.95
N LEU C 97 15.23 -20.37 -23.16
CA LEU C 97 16.55 -20.98 -23.34
C LEU C 97 17.64 -19.94 -23.00
N GLU C 98 18.52 -20.29 -22.07
CA GLU C 98 19.62 -19.40 -21.68
C GLU C 98 20.65 -19.30 -22.81
N ILE C 99 20.94 -18.07 -23.20
CA ILE C 99 21.90 -17.84 -24.26
C ILE C 99 23.18 -17.18 -23.74
N LYS C 100 24.29 -17.47 -24.40
CA LYS C 100 25.58 -16.89 -24.05
C LYS C 100 26.23 -16.68 -25.40
N SER C 101 26.18 -15.44 -25.89
CA SER C 101 26.73 -15.10 -27.20
C SER C 101 27.95 -14.22 -27.08
N PRO C 102 28.72 -14.09 -28.17
CA PRO C 102 29.93 -13.26 -28.19
C PRO C 102 29.67 -11.81 -27.73
N ILE C 103 30.53 -11.29 -26.88
CA ILE C 103 30.37 -9.92 -26.41
C ILE C 103 31.04 -9.03 -27.44
N LEU C 104 32.03 -9.59 -28.11
CA LEU C 104 32.73 -8.90 -29.16
C LEU C 104 31.99 -9.32 -30.41
N ILE C 105 31.32 -8.36 -31.06
CA ILE C 105 30.56 -8.67 -32.26
C ILE C 105 31.00 -7.85 -33.45
N PRO C 106 30.60 -8.26 -34.66
CA PRO C 106 30.92 -7.59 -35.93
C PRO C 106 30.20 -6.25 -36.04
N LEU C 107 30.86 -5.26 -36.63
CA LEU C 107 30.25 -3.95 -36.81
C LEU C 107 29.05 -3.96 -37.74
N GLU C 108 29.00 -4.94 -38.65
CA GLU C 108 27.86 -5.04 -39.58
C GLU C 108 26.58 -5.14 -38.77
N TYR C 109 26.64 -5.91 -37.68
CA TYR C 109 25.49 -6.12 -36.80
C TYR C 109 24.95 -4.81 -36.24
N ILE C 110 25.82 -3.83 -36.06
CA ILE C 110 25.37 -2.55 -35.54
C ILE C 110 24.62 -1.82 -36.63
N GLU C 111 25.12 -1.90 -37.85
CA GLU C 111 24.49 -1.26 -38.99
C GLU C 111 23.16 -1.95 -39.28
N ARG C 112 23.22 -3.27 -39.43
CA ARG C 112 22.03 -4.06 -39.70
C ARG C 112 20.95 -3.74 -38.66
N MET C 113 21.39 -3.39 -37.45
CA MET C 113 20.49 -3.04 -36.35
C MET C 113 19.86 -1.68 -36.58
N GLY C 114 20.15 -1.09 -37.73
CA GLY C 114 19.60 0.22 -38.04
C GLY C 114 20.33 1.33 -37.31
N ILE C 115 21.58 1.09 -36.94
CA ILE C 115 22.36 2.10 -36.24
C ILE C 115 23.49 2.63 -37.13
N ASP C 116 23.31 3.85 -37.61
CA ASP C 116 24.32 4.49 -38.45
C ASP C 116 24.47 5.94 -38.02
N ASN C 117 25.60 6.53 -38.39
CA ASN C 117 25.92 7.93 -38.08
C ASN C 117 24.67 8.75 -37.74
N ASP C 118 23.72 8.75 -38.68
CA ASP C 118 22.46 9.46 -38.54
C ASP C 118 21.91 9.37 -37.11
N LEU C 121 23.88 6.95 -31.29
CA LEU C 121 24.45 5.78 -30.63
C LEU C 121 25.74 5.34 -31.33
N SER C 122 25.79 5.49 -32.64
CA SER C 122 26.95 5.08 -33.42
C SER C 122 28.26 5.70 -32.91
N LYS C 123 28.15 6.59 -31.94
CA LYS C 123 29.34 7.22 -31.37
C LYS C 123 29.58 6.79 -29.93
N GLN C 124 28.71 5.91 -29.43
CA GLN C 124 28.83 5.39 -28.08
C GLN C 124 29.28 3.96 -28.23
N ILE C 125 29.78 3.64 -29.42
CA ILE C 125 30.23 2.30 -29.73
C ILE C 125 31.76 2.10 -29.71
N PHE C 126 32.23 1.40 -28.69
CA PHE C 126 33.64 1.09 -28.55
C PHE C 126 34.02 0.21 -29.73
N ARG C 127 34.85 0.75 -30.61
CA ARG C 127 35.27 0.00 -31.77
C ARG C 127 36.49 -0.83 -31.40
N VAL C 128 36.59 -2.02 -31.96
CA VAL C 128 37.72 -2.91 -31.70
C VAL C 128 38.17 -3.37 -33.06
N ASP C 129 39.46 -3.24 -33.35
CA ASP C 129 39.94 -3.65 -34.67
C ASP C 129 39.21 -2.91 -35.77
N LYS C 130 39.37 -3.40 -37.00
CA LYS C 130 38.77 -2.78 -38.16
C LYS C 130 37.33 -3.23 -38.42
N ASN C 131 36.95 -4.38 -37.88
CA ASN C 131 35.60 -4.89 -38.14
C ASN C 131 34.71 -5.18 -36.94
N PHE C 132 35.27 -5.23 -35.75
CA PHE C 132 34.46 -5.55 -34.58
C PHE C 132 34.29 -4.46 -33.54
N CYS C 133 33.33 -4.67 -32.66
CA CYS C 133 33.04 -3.72 -31.59
C CYS C 133 32.49 -4.49 -30.40
N LEU C 134 32.40 -3.80 -29.27
CA LEU C 134 31.84 -4.41 -28.09
C LEU C 134 30.32 -4.23 -28.22
N ARG C 135 29.59 -5.33 -28.21
CA ARG C 135 28.13 -5.30 -28.30
C ARG C 135 27.56 -4.18 -27.42
N PRO C 136 26.80 -3.27 -28.02
CA PRO C 136 26.22 -2.18 -27.23
C PRO C 136 24.85 -2.62 -26.71
N MET C 137 24.35 -3.73 -27.26
CA MET C 137 23.07 -4.33 -26.88
C MET C 137 23.02 -5.80 -27.30
N LEU C 138 22.05 -6.53 -26.75
CA LEU C 138 21.89 -7.96 -27.00
C LEU C 138 21.01 -8.37 -28.17
N ALA C 139 20.36 -7.42 -28.81
CA ALA C 139 19.45 -7.74 -29.92
C ALA C 139 20.07 -8.48 -31.12
N PRO C 140 21.17 -7.97 -31.68
CA PRO C 140 21.77 -8.66 -32.82
C PRO C 140 21.95 -10.17 -32.70
N ASN C 141 22.59 -10.61 -31.62
CA ASN C 141 22.82 -12.05 -31.40
C ASN C 141 21.53 -12.83 -31.12
N LEU C 142 20.60 -12.24 -30.37
CA LEU C 142 19.35 -12.93 -30.08
C LEU C 142 18.53 -13.06 -31.35
N TYR C 143 18.60 -12.05 -32.20
CA TYR C 143 17.88 -12.05 -33.48
C TYR C 143 18.30 -13.32 -34.23
N ASN C 144 19.61 -13.50 -34.39
CA ASN C 144 20.17 -14.64 -35.08
C ASN C 144 19.73 -15.93 -34.43
N TYR C 145 19.73 -15.93 -33.11
CA TYR C 145 19.32 -17.11 -32.38
C TYR C 145 17.86 -17.46 -32.66
N LEU C 146 17.00 -16.43 -32.67
CA LEU C 146 15.59 -16.66 -32.94
C LEU C 146 15.44 -17.25 -34.32
N ARG C 147 16.07 -16.64 -35.30
CA ARG C 147 16.01 -17.13 -36.68
C ARG C 147 16.49 -18.59 -36.75
N LYS C 148 17.61 -18.88 -36.12
CA LYS C 148 18.15 -20.24 -36.15
C LYS C 148 17.33 -21.24 -35.35
N LEU C 149 17.03 -20.89 -34.12
CA LEU C 149 16.25 -21.78 -33.25
C LEU C 149 14.87 -22.08 -33.79
N ASP C 150 14.37 -21.25 -34.69
CA ASP C 150 13.05 -21.45 -35.28
C ASP C 150 13.03 -22.70 -36.15
N ARG C 151 14.19 -23.07 -36.68
CA ARG C 151 14.28 -24.25 -37.52
C ARG C 151 14.30 -25.54 -36.72
N ALA C 152 14.41 -25.46 -35.40
CA ALA C 152 14.48 -26.68 -34.60
C ALA C 152 13.64 -26.83 -33.35
N LEU C 153 13.10 -25.74 -32.81
CA LEU C 153 12.30 -25.86 -31.60
C LEU C 153 10.81 -25.62 -31.82
N PRO C 154 9.97 -26.25 -30.99
CA PRO C 154 8.53 -26.09 -31.11
C PRO C 154 8.13 -24.68 -30.71
N ASP C 155 7.09 -24.15 -31.33
CA ASP C 155 6.57 -22.82 -31.06
C ASP C 155 5.88 -22.86 -29.70
N PRO C 156 6.01 -21.79 -28.88
CA PRO C 156 6.75 -20.54 -29.07
C PRO C 156 8.23 -20.66 -28.74
N ILE C 157 9.07 -19.92 -29.47
CA ILE C 157 10.50 -19.95 -29.19
C ILE C 157 10.82 -18.88 -28.17
N LYS C 158 11.35 -19.32 -27.04
CA LYS C 158 11.70 -18.42 -25.94
C LYS C 158 13.20 -18.47 -25.60
N ILE C 159 13.81 -17.29 -25.51
CA ILE C 159 15.22 -17.19 -25.20
C ILE C 159 15.52 -15.93 -24.43
N PHE C 160 16.68 -15.90 -23.80
CA PHE C 160 17.12 -14.76 -23.05
C PHE C 160 18.63 -14.84 -22.89
N GLU C 161 19.21 -13.73 -22.46
CA GLU C 161 20.64 -13.67 -22.27
C GLU C 161 20.91 -12.59 -21.28
N ILE C 162 21.96 -12.79 -20.51
CA ILE C 162 22.39 -11.82 -19.54
C ILE C 162 23.87 -11.70 -19.83
N GLY C 163 24.40 -10.49 -19.77
CA GLY C 163 25.81 -10.33 -20.06
C GLY C 163 26.29 -8.91 -20.27
N PRO C 164 27.61 -8.73 -20.29
CA PRO C 164 28.20 -7.40 -20.47
C PRO C 164 27.85 -6.73 -21.80
N CYS C 165 27.51 -5.45 -21.71
CA CYS C 165 27.21 -4.62 -22.86
C CYS C 165 27.97 -3.30 -22.68
N TYR C 166 28.43 -2.72 -23.77
CA TYR C 166 29.21 -1.49 -23.64
C TYR C 166 28.69 -0.31 -24.45
N ARG C 167 28.65 0.85 -23.79
CA ARG C 167 28.21 2.09 -24.43
C ARG C 167 29.07 3.23 -23.91
N LYS C 168 29.76 3.90 -24.82
CA LYS C 168 30.62 5.02 -24.47
C LYS C 168 29.84 6.30 -24.25
N GLY C 172 28.10 9.15 -15.77
CA GLY C 172 28.13 8.08 -14.79
C GLY C 172 27.10 8.27 -13.69
N LYS C 173 26.17 9.20 -13.91
CA LYS C 173 25.14 9.48 -12.93
C LYS C 173 24.13 8.32 -12.80
N GLU C 174 23.51 7.96 -13.92
CA GLU C 174 22.52 6.88 -13.95
C GLU C 174 22.89 5.87 -15.04
N HIS C 175 24.05 6.10 -15.65
CA HIS C 175 24.55 5.24 -16.71
C HIS C 175 25.95 4.73 -16.40
N LEU C 176 26.37 3.71 -17.14
CA LEU C 176 27.68 3.12 -16.99
C LEU C 176 28.15 2.82 -18.40
N GLU C 177 29.46 2.81 -18.60
CA GLU C 177 30.01 2.52 -19.92
C GLU C 177 30.03 1.01 -20.07
N GLU C 178 30.27 0.32 -18.95
CA GLU C 178 30.28 -1.14 -18.91
C GLU C 178 29.12 -1.58 -18.00
N PHE C 179 28.09 -2.16 -18.58
CA PHE C 179 26.94 -2.59 -17.78
C PHE C 179 26.49 -3.98 -18.19
N THR C 180 25.53 -4.51 -17.45
CA THR C 180 25.01 -5.86 -17.71
C THR C 180 23.56 -5.82 -18.11
N MET C 181 23.26 -6.43 -19.24
CA MET C 181 21.91 -6.48 -19.76
C MET C 181 21.27 -7.84 -19.71
N LEU C 182 19.96 -7.82 -19.47
CA LEU C 182 19.13 -9.01 -19.47
C LEU C 182 18.24 -8.74 -20.66
N ASN C 183 18.08 -9.71 -21.53
CA ASN C 183 17.24 -9.49 -22.68
C ASN C 183 16.53 -10.77 -23.01
N PHE C 184 15.21 -10.76 -22.87
CA PHE C 184 14.44 -11.95 -23.20
C PHE C 184 13.46 -11.65 -24.31
N CYS C 185 13.10 -12.68 -25.06
CA CYS C 185 12.13 -12.53 -26.11
C CYS C 185 11.43 -13.86 -26.35
N GLN C 186 10.17 -13.74 -26.76
CA GLN C 186 9.33 -14.87 -27.06
C GLN C 186 8.82 -14.63 -28.46
N MET C 187 9.06 -15.60 -29.34
CA MET C 187 8.64 -15.50 -30.73
C MET C 187 7.68 -16.64 -31.08
N GLY C 188 6.67 -16.32 -31.89
CA GLY C 188 5.71 -17.33 -32.29
C GLY C 188 4.34 -17.04 -31.74
N SER C 189 3.83 -17.93 -30.91
CA SER C 189 2.52 -17.78 -30.30
C SER C 189 2.59 -16.90 -29.07
N GLY C 190 1.42 -16.51 -28.59
CA GLY C 190 1.30 -15.69 -27.39
C GLY C 190 2.15 -14.44 -27.28
N CYS C 191 2.38 -13.75 -28.38
CA CYS C 191 3.18 -12.53 -28.34
C CYS C 191 2.30 -11.30 -28.34
N THR C 192 1.76 -11.01 -27.17
CA THR C 192 0.87 -9.88 -27.01
C THR C 192 1.42 -8.97 -25.93
N ARG C 193 0.88 -7.75 -25.89
CA ARG C 193 1.29 -6.78 -24.91
C ARG C 193 0.95 -7.30 -23.51
N GLU C 194 -0.22 -7.93 -23.37
CA GLU C 194 -0.64 -8.45 -22.08
C GLU C 194 0.38 -9.43 -21.54
N ASN C 195 0.76 -10.41 -22.35
CA ASN C 195 1.74 -11.38 -21.93
C ASN C 195 3.08 -10.71 -21.63
N LEU C 196 3.52 -9.84 -22.52
CA LEU C 196 4.78 -9.12 -22.30
C LEU C 196 4.70 -8.46 -20.92
N GLU C 197 3.62 -7.72 -20.67
CA GLU C 197 3.44 -7.03 -19.41
C GLU C 197 3.33 -7.95 -18.20
N SER C 198 2.68 -9.08 -18.38
CA SER C 198 2.53 -10.03 -17.29
C SER C 198 3.91 -10.58 -16.94
N ILE C 199 4.74 -10.77 -17.96
CA ILE C 199 6.09 -11.28 -17.73
C ILE C 199 6.93 -10.27 -16.97
N ILE C 200 6.85 -9.00 -17.38
CA ILE C 200 7.60 -7.96 -16.71
C ILE C 200 7.11 -7.80 -15.28
N THR C 201 5.81 -8.00 -15.07
CA THR C 201 5.27 -7.85 -13.73
C THR C 201 5.73 -8.96 -12.80
N ASP C 202 5.63 -10.21 -13.25
CA ASP C 202 6.05 -11.35 -12.43
C ASP C 202 7.54 -11.25 -12.13
N PHE C 203 8.31 -10.72 -13.09
CA PHE C 203 9.74 -10.57 -12.95
C PHE C 203 10.08 -9.53 -11.89
N LEU C 204 9.64 -8.29 -12.13
CA LEU C 204 9.91 -7.22 -11.18
C LEU C 204 9.31 -7.50 -9.81
N ASN C 205 8.13 -8.11 -9.78
CA ASN C 205 7.51 -8.45 -8.50
C ASN C 205 8.35 -9.48 -7.78
N HIS C 206 9.01 -10.35 -8.53
CA HIS C 206 9.87 -11.35 -7.94
C HIS C 206 11.06 -10.67 -7.28
N LEU C 207 11.65 -9.70 -7.96
CA LEU C 207 12.81 -9.00 -7.42
C LEU C 207 12.41 -8.00 -6.35
N GLY C 208 11.11 -7.85 -6.14
CA GLY C 208 10.63 -6.91 -5.14
C GLY C 208 11.02 -5.50 -5.48
N ILE C 209 10.49 -4.98 -6.59
CA ILE C 209 10.81 -3.64 -7.04
C ILE C 209 9.58 -2.91 -7.58
N ASP C 210 9.25 -1.79 -6.94
CA ASP C 210 8.10 -1.00 -7.35
C ASP C 210 8.33 -0.55 -8.79
N PHE C 211 7.27 -0.48 -9.57
CA PHE C 211 7.40 -0.06 -10.96
C PHE C 211 6.06 0.35 -11.56
N LYS C 212 6.15 1.05 -12.69
CA LYS C 212 4.98 1.53 -13.41
C LYS C 212 5.32 1.39 -14.89
N ILE C 213 4.35 0.97 -15.69
CA ILE C 213 4.56 0.81 -17.12
C ILE C 213 3.84 1.92 -17.87
N VAL C 214 4.47 2.45 -18.89
CA VAL C 214 3.91 3.52 -19.69
C VAL C 214 4.44 3.47 -21.13
N GLY C 215 3.55 3.36 -22.09
CA GLY C 215 3.97 3.30 -23.48
C GLY C 215 3.01 3.97 -24.42
N CYS C 218 3.02 3.29 -32.52
CA CYS C 218 2.17 2.15 -32.84
C CYS C 218 1.42 1.71 -31.58
N MET C 219 0.16 2.10 -31.46
CA MET C 219 -0.64 1.75 -30.28
C MET C 219 -1.03 0.27 -30.21
N VAL C 220 -0.27 -0.61 -30.87
CA VAL C 220 -0.56 -2.06 -30.87
C VAL C 220 0.65 -2.93 -31.23
N TYR C 221 0.91 -3.12 -32.52
CA TYR C 221 2.06 -3.89 -32.99
C TYR C 221 3.12 -2.82 -33.17
N GLY C 222 4.36 -3.12 -32.85
CA GLY C 222 5.40 -2.10 -32.97
C GLY C 222 5.32 -1.25 -31.72
N ASP C 223 4.49 -1.70 -30.79
CA ASP C 223 4.26 -1.04 -29.51
C ASP C 223 5.55 -0.91 -28.70
N THR C 224 5.64 0.14 -27.89
CA THR C 224 6.83 0.37 -27.08
C THR C 224 6.46 0.70 -25.65
N LEU C 225 6.84 -0.20 -24.75
CA LEU C 225 6.57 -0.03 -23.34
C LEU C 225 7.82 0.54 -22.68
N ASP C 226 7.64 1.11 -21.50
CA ASP C 226 8.77 1.63 -20.76
C ASP C 226 8.48 1.37 -19.31
N VAL C 227 9.33 0.57 -18.69
CA VAL C 227 9.16 0.22 -17.29
C VAL C 227 9.92 1.22 -16.44
N MET C 228 9.20 1.88 -15.53
CA MET C 228 9.81 2.89 -14.68
C MET C 228 9.70 2.60 -13.19
N HIS C 229 10.59 3.23 -12.44
CA HIS C 229 10.62 3.17 -10.99
C HIS C 229 11.11 4.57 -10.59
N GLY C 230 10.17 5.42 -10.19
CA GLY C 230 10.54 6.79 -9.87
C GLY C 230 10.66 7.39 -11.26
N ASP C 231 11.76 8.06 -11.56
CA ASP C 231 11.91 8.63 -12.90
C ASP C 231 12.98 7.86 -13.66
N LEU C 232 13.44 6.77 -13.07
CA LEU C 232 14.48 5.98 -13.71
C LEU C 232 13.92 4.83 -14.52
N GLU C 233 14.30 4.77 -15.78
CA GLU C 233 13.84 3.69 -16.64
C GLU C 233 14.48 2.39 -16.19
N LEU C 234 13.64 1.38 -16.00
CA LEU C 234 14.10 0.07 -15.57
C LEU C 234 14.28 -0.82 -16.80
N SER C 235 13.37 -0.68 -17.75
CA SER C 235 13.43 -1.47 -18.95
C SER C 235 12.71 -0.82 -20.13
N SER C 236 12.78 -1.49 -21.27
CA SER C 236 12.12 -1.04 -22.48
C SER C 236 11.70 -2.31 -23.19
N ALA C 237 10.39 -2.49 -23.33
CA ALA C 237 9.89 -3.69 -23.99
C ALA C 237 9.17 -3.34 -25.28
N VAL C 238 9.18 -4.26 -26.23
CA VAL C 238 8.54 -4.01 -27.50
C VAL C 238 7.72 -5.19 -27.98
N VAL C 239 6.55 -4.89 -28.52
CA VAL C 239 5.66 -5.90 -29.07
C VAL C 239 5.89 -5.87 -30.56
N GLY C 240 6.43 -6.95 -31.11
CA GLY C 240 6.67 -7.00 -32.54
C GLY C 240 5.49 -7.59 -33.29
N PRO C 241 5.63 -7.84 -34.59
CA PRO C 241 6.84 -7.60 -35.38
C PRO C 241 7.14 -6.11 -35.57
N ILE C 242 8.27 -5.83 -36.22
CA ILE C 242 8.68 -4.46 -36.51
C ILE C 242 9.40 -4.51 -37.86
N PRO C 243 9.50 -3.37 -38.55
CA PRO C 243 10.18 -3.40 -39.85
C PRO C 243 11.56 -4.05 -39.80
N LEU C 244 12.35 -3.69 -38.79
CA LEU C 244 13.70 -4.22 -38.61
C LEU C 244 13.81 -5.75 -38.70
N ASP C 245 12.81 -6.45 -38.16
CA ASP C 245 12.78 -7.92 -38.18
C ASP C 245 13.20 -8.56 -39.49
N ARG C 246 12.62 -8.09 -40.58
CA ARG C 246 12.90 -8.66 -41.89
C ARG C 246 14.38 -8.69 -42.17
N GLU C 247 15.09 -7.69 -41.63
CA GLU C 247 16.52 -7.57 -41.84
C GLU C 247 17.30 -8.72 -41.19
N TRP C 248 16.72 -9.34 -40.17
CA TRP C 248 17.40 -10.43 -39.50
C TRP C 248 16.78 -11.78 -39.80
N GLY C 249 15.95 -11.82 -40.83
CA GLY C 249 15.34 -13.08 -41.24
C GLY C 249 14.17 -13.55 -40.42
N ILE C 250 13.67 -12.71 -39.54
CA ILE C 250 12.52 -13.03 -38.70
C ILE C 250 11.24 -12.61 -39.40
N ASP C 251 10.23 -13.47 -39.39
CA ASP C 251 8.97 -13.15 -40.05
C ASP C 251 7.78 -13.62 -39.20
N LYS C 252 7.90 -13.49 -37.90
CA LYS C 252 6.85 -13.90 -36.97
C LYS C 252 6.73 -12.86 -35.88
N PRO C 253 5.60 -12.84 -35.16
CA PRO C 253 5.47 -11.86 -34.09
C PRO C 253 6.39 -12.22 -32.93
N TRP C 254 6.63 -11.27 -32.02
CA TRP C 254 7.46 -11.52 -30.86
C TRP C 254 7.27 -10.41 -29.85
N ILE C 255 7.72 -10.68 -28.62
CA ILE C 255 7.67 -9.69 -27.56
C ILE C 255 9.01 -9.77 -26.84
N GLY C 256 9.48 -8.66 -26.30
CA GLY C 256 10.74 -8.69 -25.61
C GLY C 256 10.95 -7.49 -24.71
N ALA C 257 11.91 -7.63 -23.82
CA ALA C 257 12.25 -6.58 -22.88
C ALA C 257 13.75 -6.65 -22.62
N GLY C 258 14.30 -5.56 -22.08
CA GLY C 258 15.70 -5.50 -21.77
C GLY C 258 15.83 -4.68 -20.52
N PHE C 259 16.51 -5.23 -19.52
CA PHE C 259 16.72 -4.55 -18.23
C PHE C 259 18.21 -4.35 -17.96
N GLY C 260 18.52 -3.43 -17.05
CA GLY C 260 19.90 -3.22 -16.69
C GLY C 260 20.08 -3.76 -15.30
N LEU C 261 20.83 -4.84 -15.12
CA LEU C 261 20.99 -5.38 -13.78
C LEU C 261 21.54 -4.34 -12.81
N GLU C 262 22.52 -3.53 -13.24
CA GLU C 262 23.06 -2.51 -12.34
C GLU C 262 21.96 -1.54 -11.93
N ARG C 263 20.99 -1.31 -12.80
CA ARG C 263 19.89 -0.43 -12.45
C ARG C 263 18.92 -1.10 -11.48
N LEU C 264 18.76 -2.42 -11.61
CA LEU C 264 17.89 -3.18 -10.71
C LEU C 264 18.55 -3.19 -9.35
N LEU C 265 19.87 -3.29 -9.33
CA LEU C 265 20.61 -3.31 -8.07
C LEU C 265 20.55 -1.95 -7.42
N LYS C 266 20.61 -0.91 -8.23
CA LYS C 266 20.58 0.44 -7.70
C LYS C 266 19.27 0.66 -6.95
N VAL C 267 18.17 0.28 -7.59
CA VAL C 267 16.86 0.43 -6.97
C VAL C 267 16.73 -0.47 -5.75
N LYS C 268 16.95 -1.76 -5.95
CA LYS C 268 16.84 -2.73 -4.86
C LYS C 268 17.61 -2.31 -3.60
N HIS C 269 18.91 -2.05 -3.75
CA HIS C 269 19.74 -1.68 -2.61
C HIS C 269 19.78 -0.20 -2.30
N ASP C 270 19.01 0.58 -3.05
CA ASP C 270 18.92 2.02 -2.85
C ASP C 270 20.26 2.74 -2.92
N PHE C 271 20.94 2.64 -4.06
CA PHE C 271 22.24 3.30 -4.25
C PHE C 271 22.04 4.63 -4.95
N LYS C 272 22.56 5.69 -4.36
CA LYS C 272 22.45 7.00 -4.98
C LYS C 272 23.18 6.89 -6.32
N ASN C 273 24.39 6.34 -6.27
CA ASN C 273 25.21 6.16 -7.45
C ASN C 273 25.20 4.73 -7.99
N ILE C 274 24.89 4.61 -9.27
CA ILE C 274 24.83 3.31 -9.94
C ILE C 274 26.18 2.59 -10.10
N LYS C 275 27.27 3.26 -9.74
CA LYS C 275 28.60 2.62 -9.85
C LYS C 275 28.79 1.67 -8.67
N ARG C 276 27.96 1.84 -7.66
CA ARG C 276 27.99 1.00 -6.47
C ARG C 276 27.60 -0.44 -6.74
N ALA C 277 26.95 -0.67 -7.87
CA ALA C 277 26.50 -2.02 -8.22
C ALA C 277 27.14 -2.53 -9.50
N ALA C 278 28.02 -1.73 -10.10
CA ALA C 278 28.67 -2.11 -11.35
C ALA C 278 29.92 -2.94 -11.14
N ARG C 279 30.47 -3.49 -12.22
CA ARG C 279 31.72 -4.22 -12.09
C ARG C 279 32.68 -3.16 -11.63
N SER C 280 33.32 -3.37 -10.49
CA SER C 280 34.22 -2.35 -9.95
C SER C 280 35.35 -2.94 -9.12
N GLY C 281 36.30 -2.07 -8.78
CA GLY C 281 37.42 -2.49 -7.96
C GLY C 281 37.40 -1.59 -6.74
N SER C 282 36.62 -0.53 -6.82
CA SER C 282 36.47 0.44 -5.73
C SER C 282 35.26 0.16 -4.82
N TYR C 283 34.40 -0.76 -5.25
CA TYR C 283 33.21 -1.15 -4.50
C TYR C 283 32.91 -2.65 -4.53
N TYR C 284 32.56 -3.22 -3.38
CA TYR C 284 32.20 -4.62 -3.37
C TYR C 284 30.82 -4.72 -2.74
N ASN C 285 29.83 -5.11 -3.53
CA ASN C 285 28.46 -5.19 -3.05
C ASN C 285 28.09 -3.86 -2.39
N GLY C 286 28.38 -2.77 -3.10
CA GLY C 286 28.07 -1.44 -2.61
C GLY C 286 28.94 -0.85 -1.52
N ILE C 287 29.90 -1.61 -1.01
CA ILE C 287 30.80 -1.12 0.03
C ILE C 287 32.17 -0.73 -0.53
N SER C 288 32.59 0.50 -0.24
CA SER C 288 33.88 1.00 -0.70
C SER C 288 35.02 0.05 -0.36
N THR C 289 35.95 -0.11 -1.28
CA THR C 289 37.09 -0.98 -1.06
C THR C 289 38.33 -0.20 -0.60
N ASN C 290 38.19 1.12 -0.54
CA ASN C 290 39.28 1.99 -0.11
C ASN C 290 39.06 2.25 1.37
N LEU C 291 39.46 1.29 2.19
CA LEU C 291 39.29 1.38 3.62
C LEU C 291 40.62 1.59 4.33
N THR D 28 32.78 -36.07 -50.51
CA THR D 28 33.70 -35.02 -51.05
C THR D 28 34.32 -34.20 -49.91
N LYS D 29 34.67 -32.95 -50.21
CA LYS D 29 35.28 -32.07 -49.21
C LYS D 29 34.19 -31.29 -48.47
N SER D 30 33.54 -30.40 -49.21
CA SER D 30 32.47 -29.59 -48.65
C SER D 30 31.51 -30.47 -47.86
N GLN D 31 31.02 -31.53 -48.50
CA GLN D 31 30.08 -32.43 -47.85
C GLN D 31 30.62 -33.00 -46.55
N THR D 32 31.80 -33.61 -46.63
CA THR D 32 32.42 -34.22 -45.45
C THR D 32 32.47 -33.22 -44.31
N ASP D 33 32.80 -31.98 -44.64
CA ASP D 33 32.90 -30.95 -43.63
C ASP D 33 31.53 -30.47 -43.14
N ARG D 34 30.53 -30.52 -44.02
CA ARG D 34 29.17 -30.13 -43.65
C ARG D 34 28.68 -31.11 -42.58
N LEU D 35 29.12 -32.36 -42.71
CA LEU D 35 28.73 -33.42 -41.80
C LEU D 35 29.52 -33.34 -40.49
N GLU D 36 30.75 -32.83 -40.58
CA GLU D 36 31.61 -32.65 -39.41
C GLU D 36 30.93 -31.73 -38.40
N VAL D 37 30.33 -30.66 -38.92
CA VAL D 37 29.63 -29.67 -38.11
C VAL D 37 28.46 -30.27 -37.33
N LEU D 38 27.68 -31.12 -38.01
CA LEU D 38 26.52 -31.76 -37.43
C LEU D 38 26.88 -33.00 -36.60
N LEU D 39 28.08 -33.52 -36.84
CA LEU D 39 28.53 -34.70 -36.12
C LEU D 39 28.86 -34.32 -34.67
N ASN D 40 28.54 -35.21 -33.73
CA ASN D 40 28.81 -34.97 -32.33
C ASN D 40 29.55 -36.14 -31.70
N PRO D 41 30.22 -35.91 -30.56
CA PRO D 41 30.97 -36.98 -29.88
C PRO D 41 30.16 -38.25 -29.58
N LYS D 42 28.90 -38.09 -29.21
CA LYS D 42 28.06 -39.24 -28.87
C LYS D 42 27.50 -40.06 -30.04
N ASP D 43 27.94 -39.77 -31.27
CA ASP D 43 27.49 -40.52 -32.44
C ASP D 43 28.49 -41.63 -32.76
N GLU D 44 28.18 -42.47 -33.74
CA GLU D 44 29.08 -43.56 -34.11
C GLU D 44 29.07 -43.87 -35.60
N LEU D 47 30.53 -42.35 -38.12
CA LEU D 47 30.92 -43.25 -39.20
C LEU D 47 30.73 -42.54 -40.54
N ASN D 48 31.75 -41.80 -40.96
CA ASN D 48 31.69 -41.05 -42.19
C ASN D 48 32.28 -41.78 -43.41
N SER D 49 31.61 -42.86 -43.82
CA SER D 49 32.03 -43.65 -44.97
C SER D 49 31.06 -44.79 -45.29
N GLY D 50 30.97 -45.13 -46.58
CA GLY D 50 30.09 -46.18 -47.04
C GLY D 50 28.64 -45.85 -46.76
N LYS D 51 28.18 -44.72 -47.31
CA LYS D 51 26.82 -44.27 -47.08
C LYS D 51 26.63 -42.92 -47.76
N PRO D 52 25.55 -42.77 -48.54
CA PRO D 52 25.28 -41.52 -49.25
C PRO D 52 25.18 -40.26 -48.39
N PHE D 53 25.68 -39.15 -48.94
CA PHE D 53 25.66 -37.88 -48.24
C PHE D 53 24.29 -37.46 -47.70
N ARG D 54 23.31 -37.35 -48.58
CA ARG D 54 21.96 -36.94 -48.18
C ARG D 54 21.40 -37.76 -47.02
N GLU D 55 21.72 -39.05 -46.98
CA GLU D 55 21.25 -39.89 -45.88
C GLU D 55 21.96 -39.42 -44.61
N LEU D 56 23.29 -39.35 -44.68
CA LEU D 56 24.08 -38.89 -43.54
C LEU D 56 23.62 -37.50 -43.09
N GLU D 57 23.55 -36.56 -44.02
CA GLU D 57 23.13 -35.21 -43.68
C GLU D 57 21.77 -35.23 -42.99
N SER D 58 20.79 -35.85 -43.63
CA SER D 58 19.44 -35.92 -43.08
C SER D 58 19.45 -36.56 -41.68
N GLU D 59 20.22 -37.62 -41.53
CA GLU D 59 20.33 -38.33 -40.25
C GLU D 59 20.86 -37.43 -39.13
N LEU D 60 21.97 -36.75 -39.39
CA LEU D 60 22.56 -35.85 -38.40
C LEU D 60 21.67 -34.66 -38.07
N LEU D 61 21.07 -34.08 -39.10
CA LEU D 61 20.19 -32.94 -38.91
C LEU D 61 19.04 -33.31 -37.97
N SER D 62 18.44 -34.48 -38.19
CA SER D 62 17.33 -34.87 -37.33
C SER D 62 17.82 -35.09 -35.90
N ARG D 63 19.05 -35.58 -35.76
CA ARG D 63 19.61 -35.81 -34.42
C ARG D 63 19.84 -34.48 -33.72
N ARG D 64 20.46 -33.53 -34.42
CA ARG D 64 20.73 -32.24 -33.82
C ARG D 64 19.47 -31.50 -33.39
N LYS D 65 18.39 -31.64 -34.16
CA LYS D 65 17.13 -30.98 -33.81
C LYS D 65 16.58 -31.59 -32.53
N LYS D 66 16.60 -32.93 -32.44
CA LYS D 66 16.13 -33.60 -31.23
C LYS D 66 16.98 -33.17 -30.05
N ASP D 67 18.29 -33.19 -30.23
CA ASP D 67 19.22 -32.78 -29.17
C ASP D 67 18.83 -31.42 -28.62
N LEU D 68 18.59 -30.49 -29.55
CA LEU D 68 18.20 -29.12 -29.22
C LEU D 68 16.82 -29.10 -28.58
N GLN D 69 15.94 -29.99 -29.03
CA GLN D 69 14.58 -30.10 -28.48
C GLN D 69 14.61 -30.68 -27.07
N GLN D 70 15.53 -31.61 -26.83
CA GLN D 70 15.64 -32.19 -25.50
C GLN D 70 16.16 -31.15 -24.51
N ILE D 71 17.11 -30.32 -24.94
CA ILE D 71 17.66 -29.29 -24.06
C ILE D 71 16.60 -28.23 -23.79
N TYR D 72 15.81 -27.93 -24.82
CA TYR D 72 14.77 -26.91 -24.68
C TYR D 72 13.67 -27.38 -23.72
N ALA D 73 13.38 -28.69 -23.78
CA ALA D 73 12.34 -29.31 -22.96
C ALA D 73 12.76 -29.59 -21.52
N GLU D 74 14.05 -29.82 -21.29
CA GLU D 74 14.53 -30.12 -19.94
C GLU D 74 15.20 -28.98 -19.18
N GLU D 75 16.51 -29.09 -19.02
CA GLU D 75 17.30 -28.10 -18.28
C GLU D 75 17.28 -26.66 -18.82
N ARG D 76 17.47 -26.49 -20.13
CA ARG D 76 17.47 -25.17 -20.75
C ARG D 76 18.66 -24.27 -20.36
N GLU D 77 19.70 -24.85 -19.79
CA GLU D 77 20.85 -24.07 -19.41
C GLU D 77 22.01 -24.16 -20.38
N ASN D 78 22.73 -23.04 -20.50
CA ASN D 78 23.88 -22.95 -21.37
C ASN D 78 25.01 -23.58 -20.58
N TYR D 79 25.83 -24.39 -21.25
CA TYR D 79 26.95 -25.06 -20.61
C TYR D 79 27.82 -24.07 -19.83
N LEU D 80 28.25 -23.03 -20.53
CA LEU D 80 29.11 -22.01 -19.94
C LEU D 80 28.47 -21.33 -18.71
N GLY D 81 27.19 -21.01 -18.80
CA GLY D 81 26.55 -20.38 -17.67
C GLY D 81 26.40 -21.33 -16.49
N LYS D 82 26.04 -22.57 -16.82
CA LYS D 82 25.85 -23.62 -15.84
C LYS D 82 27.17 -23.91 -15.12
N LEU D 83 28.18 -24.31 -15.88
CA LEU D 83 29.50 -24.61 -15.31
C LEU D 83 30.01 -23.47 -14.43
N GLU D 84 29.77 -22.24 -14.86
CA GLU D 84 30.22 -21.07 -14.08
C GLU D 84 29.47 -20.97 -12.76
N ARG D 85 28.19 -21.30 -12.79
CA ARG D 85 27.35 -21.25 -11.59
C ARG D 85 27.80 -22.30 -10.55
N GLU D 86 28.16 -23.49 -11.01
CA GLU D 86 28.61 -24.52 -10.09
C GLU D 86 30.05 -24.27 -9.64
N ILE D 87 30.91 -23.78 -10.53
CA ILE D 87 32.27 -23.45 -10.13
C ILE D 87 32.08 -22.36 -9.06
N THR D 88 31.10 -21.48 -9.27
CA THR D 88 30.84 -20.41 -8.31
C THR D 88 30.35 -20.95 -6.96
N ARG D 89 29.42 -21.92 -6.99
CA ARG D 89 28.93 -22.49 -5.74
C ARG D 89 30.09 -23.18 -5.01
N PHE D 90 30.89 -23.91 -5.78
CA PHE D 90 32.04 -24.60 -5.24
C PHE D 90 32.93 -23.68 -4.40
N PHE D 91 33.52 -22.67 -5.06
CA PHE D 91 34.41 -21.76 -4.36
C PHE D 91 33.75 -20.92 -3.28
N VAL D 92 32.50 -20.55 -3.48
CA VAL D 92 31.82 -19.76 -2.46
C VAL D 92 31.68 -20.64 -1.21
N ASP D 93 31.43 -21.92 -1.40
CA ASP D 93 31.27 -22.82 -0.26
C ASP D 93 32.58 -23.15 0.44
N ARG D 94 33.70 -22.91 -0.23
CA ARG D 94 35.01 -23.18 0.36
C ARG D 94 35.59 -21.93 1.02
N GLY D 95 34.76 -20.90 1.22
CA GLY D 95 35.25 -19.69 1.86
C GLY D 95 35.87 -18.63 0.96
N PHE D 96 35.65 -18.74 -0.35
CA PHE D 96 36.20 -17.77 -1.30
C PHE D 96 35.15 -16.71 -1.62
N LEU D 97 35.57 -15.45 -1.71
CA LEU D 97 34.67 -14.36 -2.03
C LEU D 97 34.52 -14.26 -3.54
N GLU D 98 33.29 -14.06 -4.01
CA GLU D 98 33.03 -13.95 -5.45
C GLU D 98 33.36 -12.56 -5.95
N ILE D 99 34.15 -12.49 -7.01
CA ILE D 99 34.53 -11.20 -7.58
C ILE D 99 34.01 -11.02 -9.00
N LYS D 100 33.50 -9.82 -9.27
CA LYS D 100 33.01 -9.43 -10.60
C LYS D 100 33.69 -8.08 -10.86
N SER D 101 34.75 -8.10 -11.66
CA SER D 101 35.50 -6.87 -11.93
C SER D 101 35.37 -6.45 -13.39
N PRO D 102 35.76 -5.21 -13.71
CA PRO D 102 35.67 -4.72 -15.08
C PRO D 102 36.37 -5.59 -16.11
N ILE D 103 35.78 -5.71 -17.30
CA ILE D 103 36.38 -6.49 -18.35
C ILE D 103 37.25 -5.52 -19.16
N LEU D 104 36.81 -4.28 -19.20
CA LEU D 104 37.51 -3.21 -19.91
C LEU D 104 38.49 -2.61 -18.91
N ILE D 105 39.78 -2.93 -19.05
CA ILE D 105 40.78 -2.43 -18.11
C ILE D 105 41.79 -1.48 -18.73
N PRO D 106 42.50 -0.71 -17.90
CA PRO D 106 43.50 0.25 -18.38
C PRO D 106 44.70 -0.48 -18.99
N LEU D 107 45.33 0.10 -20.00
CA LEU D 107 46.48 -0.51 -20.62
C LEU D 107 47.63 -0.61 -19.62
N GLU D 108 47.69 0.35 -18.71
CA GLU D 108 48.73 0.39 -17.68
C GLU D 108 48.79 -0.95 -16.95
N TYR D 109 47.63 -1.55 -16.71
CA TYR D 109 47.52 -2.83 -16.03
C TYR D 109 48.29 -3.92 -16.76
N ILE D 110 48.27 -3.91 -18.08
CA ILE D 110 48.97 -4.91 -18.86
C ILE D 110 50.45 -4.66 -18.76
N GLU D 111 50.81 -3.38 -18.88
CA GLU D 111 52.20 -3.00 -18.79
C GLU D 111 52.71 -3.43 -17.43
N ARG D 112 51.91 -3.17 -16.41
CA ARG D 112 52.27 -3.51 -15.04
C ARG D 112 52.46 -5.01 -14.81
N MET D 113 51.76 -5.84 -15.60
CA MET D 113 51.90 -7.28 -15.49
C MET D 113 53.18 -7.72 -16.17
N GLY D 114 54.01 -6.74 -16.54
CA GLY D 114 55.27 -7.04 -17.20
C GLY D 114 55.05 -7.64 -18.58
N ILE D 115 54.32 -6.93 -19.44
CA ILE D 115 54.05 -7.40 -20.78
C ILE D 115 54.37 -6.38 -21.87
N ASP D 116 54.80 -6.87 -23.03
CA ASP D 116 55.12 -6.06 -24.20
C ASP D 116 55.10 -6.87 -25.49
N GLU D 120 56.47 -9.24 -25.15
CA GLU D 120 56.15 -10.65 -25.33
C GLU D 120 54.93 -10.85 -26.23
N LEU D 121 53.77 -11.01 -25.61
CA LEU D 121 52.52 -11.22 -26.35
C LEU D 121 51.57 -10.03 -26.26
N SER D 122 52.09 -8.83 -26.50
CA SER D 122 51.26 -7.63 -26.46
C SER D 122 50.49 -7.50 -27.76
N LYS D 123 50.72 -8.45 -28.66
CA LYS D 123 50.03 -8.44 -29.94
C LYS D 123 48.82 -9.36 -29.89
N GLN D 124 48.40 -9.69 -28.68
CA GLN D 124 47.24 -10.54 -28.48
C GLN D 124 46.24 -9.72 -27.69
N ILE D 125 46.63 -8.50 -27.36
CA ILE D 125 45.77 -7.61 -26.60
C ILE D 125 44.80 -6.88 -27.50
N PHE D 126 43.52 -6.93 -27.15
CA PHE D 126 42.51 -6.23 -27.93
C PHE D 126 42.39 -4.82 -27.39
N ARG D 127 42.94 -3.89 -28.16
CA ARG D 127 42.95 -2.49 -27.82
C ARG D 127 41.57 -1.86 -28.00
N VAL D 128 41.24 -0.95 -27.10
CA VAL D 128 39.96 -0.26 -27.14
C VAL D 128 40.20 1.19 -26.72
N ASP D 129 39.89 2.13 -27.63
CA ASP D 129 40.10 3.54 -27.35
C ASP D 129 41.59 3.82 -27.11
N LYS D 130 41.87 4.73 -26.19
CA LYS D 130 43.24 5.10 -25.89
C LYS D 130 43.95 4.26 -24.84
N ASN D 131 43.66 4.51 -23.57
CA ASN D 131 44.31 3.78 -22.48
C ASN D 131 43.61 2.50 -22.02
N PHE D 132 42.65 1.99 -22.79
CA PHE D 132 41.98 0.78 -22.34
C PHE D 132 42.06 -0.39 -23.29
N CYS D 133 41.69 -1.55 -22.78
CA CYS D 133 41.69 -2.77 -23.57
C CYS D 133 40.78 -3.79 -22.90
N LEU D 134 40.63 -4.92 -23.58
CA LEU D 134 39.84 -6.02 -23.06
C LEU D 134 40.82 -6.90 -22.30
N ARG D 135 40.55 -7.09 -21.02
CA ARG D 135 41.40 -7.91 -20.16
C ARG D 135 41.78 -9.24 -20.80
N PRO D 136 43.08 -9.53 -20.88
CA PRO D 136 43.49 -10.80 -21.46
C PRO D 136 43.56 -11.83 -20.32
N MET D 137 43.44 -11.34 -19.09
CA MET D 137 43.49 -12.21 -17.92
C MET D 137 42.88 -11.54 -16.69
N LEU D 138 42.66 -12.29 -15.62
CA LEU D 138 42.06 -11.75 -14.42
C LEU D 138 43.03 -11.28 -13.33
N ALA D 139 44.31 -11.55 -13.52
CA ALA D 139 45.31 -11.17 -12.51
C ALA D 139 45.24 -9.74 -11.98
N PRO D 140 45.31 -8.74 -12.87
CA PRO D 140 45.24 -7.33 -12.44
C PRO D 140 44.16 -6.97 -11.42
N ASN D 141 42.89 -7.16 -11.76
CA ASN D 141 41.84 -6.81 -10.81
C ASN D 141 41.91 -7.66 -9.53
N LEU D 142 42.33 -8.92 -9.65
CA LEU D 142 42.42 -9.75 -8.46
C LEU D 142 43.54 -9.24 -7.56
N TYR D 143 44.63 -8.75 -8.15
CA TYR D 143 45.73 -8.19 -7.36
C TYR D 143 45.20 -7.03 -6.54
N ASN D 144 44.52 -6.09 -7.20
CA ASN D 144 43.99 -4.94 -6.48
C ASN D 144 43.03 -5.34 -5.35
N TYR D 145 42.28 -6.41 -5.55
CA TYR D 145 41.35 -6.87 -4.53
C TYR D 145 42.07 -7.48 -3.34
N LEU D 146 43.14 -8.24 -3.60
CA LEU D 146 43.89 -8.81 -2.50
C LEU D 146 44.47 -7.67 -1.66
N ARG D 147 45.05 -6.67 -2.33
CA ARG D 147 45.64 -5.54 -1.61
C ARG D 147 44.62 -4.71 -0.83
N LYS D 148 43.44 -4.52 -1.39
CA LYS D 148 42.39 -3.74 -0.75
C LYS D 148 41.69 -4.54 0.36
N LEU D 149 41.39 -5.80 0.08
CA LEU D 149 40.72 -6.64 1.05
C LEU D 149 41.68 -6.95 2.21
N ASP D 150 42.95 -7.15 1.90
CA ASP D 150 43.94 -7.42 2.93
C ASP D 150 43.76 -6.44 4.10
N ARG D 151 43.19 -5.28 3.78
CA ARG D 151 42.97 -4.24 4.78
C ARG D 151 41.69 -4.42 5.60
N ALA D 152 40.78 -5.27 5.15
CA ALA D 152 39.52 -5.45 5.86
C ALA D 152 39.24 -6.85 6.42
N LEU D 153 39.59 -7.88 5.66
CA LEU D 153 39.33 -9.26 6.07
C LEU D 153 40.49 -9.97 6.75
N PRO D 154 40.18 -10.95 7.61
CA PRO D 154 41.20 -11.72 8.33
C PRO D 154 41.85 -12.74 7.40
N ASP D 155 43.17 -12.91 7.51
CA ASP D 155 43.84 -13.89 6.68
C ASP D 155 43.26 -15.26 7.02
N PRO D 156 43.21 -16.16 6.05
CA PRO D 156 43.64 -15.98 4.66
C PRO D 156 42.56 -15.30 3.83
N ILE D 157 42.98 -14.49 2.86
CA ILE D 157 42.05 -13.79 1.98
C ILE D 157 41.84 -14.68 0.77
N LYS D 158 40.60 -15.14 0.58
CA LYS D 158 40.31 -16.00 -0.53
C LYS D 158 39.28 -15.35 -1.45
N ILE D 159 39.61 -15.30 -2.74
CA ILE D 159 38.72 -14.68 -3.72
C ILE D 159 38.86 -15.39 -5.07
N PHE D 160 37.87 -15.22 -5.93
CA PHE D 160 37.91 -15.81 -7.25
C PHE D 160 37.03 -15.00 -8.15
N GLU D 161 37.15 -15.24 -9.45
CA GLU D 161 36.34 -14.59 -10.44
C GLU D 161 36.32 -15.54 -11.61
N ILE D 162 35.21 -15.48 -12.34
CA ILE D 162 34.99 -16.27 -13.53
C ILE D 162 34.49 -15.16 -14.45
N GLY D 163 35.00 -15.12 -15.67
CA GLY D 163 34.54 -14.08 -16.57
C GLY D 163 35.27 -14.06 -17.89
N PRO D 164 34.75 -13.30 -18.87
CA PRO D 164 35.35 -13.20 -20.21
C PRO D 164 36.76 -12.58 -20.20
N CYS D 165 37.62 -13.14 -21.05
CA CYS D 165 39.00 -12.67 -21.22
C CYS D 165 39.25 -12.71 -22.71
N TYR D 166 40.16 -11.86 -23.20
CA TYR D 166 40.43 -11.81 -24.63
C TYR D 166 41.88 -11.71 -25.04
N ARG D 167 42.23 -12.47 -26.07
CA ARG D 167 43.58 -12.47 -26.61
C ARG D 167 43.47 -12.71 -28.10
N LYS D 168 44.24 -11.95 -28.88
CA LYS D 168 44.22 -12.13 -30.32
C LYS D 168 45.09 -13.35 -30.61
N GLU D 169 44.64 -14.19 -31.54
CA GLU D 169 45.37 -15.40 -31.87
C GLU D 169 45.67 -15.49 -33.38
N GLY D 172 43.41 -21.17 -32.32
CA GLY D 172 42.75 -22.19 -33.12
C GLY D 172 42.85 -23.58 -32.51
N LYS D 173 41.75 -24.33 -32.65
CA LYS D 173 41.67 -25.71 -32.14
C LYS D 173 41.60 -25.80 -30.62
N GLU D 174 42.58 -25.21 -29.95
CA GLU D 174 42.67 -25.25 -28.49
C GLU D 174 42.54 -23.86 -27.87
N HIS D 175 42.73 -22.84 -28.69
CA HIS D 175 42.66 -21.46 -28.22
C HIS D 175 41.60 -20.64 -28.94
N LEU D 176 40.91 -19.81 -28.16
CA LEU D 176 39.89 -18.93 -28.67
C LEU D 176 40.38 -17.50 -28.43
N GLU D 177 39.73 -16.53 -29.05
CA GLU D 177 40.12 -15.15 -28.86
C GLU D 177 39.32 -14.59 -27.70
N GLU D 178 38.12 -15.13 -27.54
CA GLU D 178 37.20 -14.76 -26.49
C GLU D 178 36.88 -16.01 -25.67
N PHE D 179 37.48 -16.12 -24.49
CA PHE D 179 37.25 -17.28 -23.65
C PHE D 179 36.84 -16.86 -22.26
N THR D 180 36.54 -17.84 -21.43
CA THR D 180 36.11 -17.60 -20.05
C THR D 180 37.13 -18.18 -19.10
N MET D 181 37.58 -17.37 -18.17
CA MET D 181 38.57 -17.82 -17.21
C MET D 181 38.03 -17.87 -15.81
N LEU D 182 38.59 -18.79 -15.04
CA LEU D 182 38.28 -18.94 -13.62
C LEU D 182 39.63 -18.78 -12.93
N ASN D 183 39.73 -17.78 -12.08
CA ASN D 183 40.98 -17.59 -11.38
C ASN D 183 40.64 -17.37 -9.94
N PHE D 184 41.14 -18.26 -9.09
CA PHE D 184 40.90 -18.15 -7.67
C PHE D 184 42.27 -18.00 -7.03
N CYS D 185 42.30 -17.42 -5.84
CA CYS D 185 43.57 -17.26 -5.14
C CYS D 185 43.34 -17.12 -3.67
N GLN D 186 44.37 -17.44 -2.91
CA GLN D 186 44.33 -17.38 -1.47
C GLN D 186 45.63 -16.77 -0.98
N MET D 187 45.51 -15.76 -0.13
CA MET D 187 46.67 -15.07 0.39
C MET D 187 46.80 -15.18 1.90
N GLY D 188 48.04 -15.30 2.37
CA GLY D 188 48.30 -15.40 3.78
C GLY D 188 49.49 -16.27 4.05
N SER D 189 49.85 -16.42 5.33
CA SER D 189 50.98 -17.25 5.72
C SER D 189 50.56 -18.70 5.59
N GLY D 190 51.56 -19.57 5.48
CA GLY D 190 51.27 -21.00 5.39
C GLY D 190 50.98 -21.50 3.98
N CYS D 191 50.31 -20.68 3.17
CA CYS D 191 49.97 -21.09 1.81
C CYS D 191 51.19 -21.60 1.05
N THR D 192 51.10 -22.86 0.63
CA THR D 192 52.18 -23.50 -0.10
C THR D 192 51.64 -24.37 -1.22
N ARG D 193 52.56 -24.95 -1.99
CA ARG D 193 52.19 -25.80 -3.10
C ARG D 193 51.23 -26.89 -2.65
N GLU D 194 51.28 -27.23 -1.38
CA GLU D 194 50.40 -28.26 -0.82
C GLU D 194 48.94 -27.79 -0.86
N ASN D 195 48.69 -26.59 -0.34
CA ASN D 195 47.34 -26.03 -0.33
C ASN D 195 46.79 -25.91 -1.75
N LEU D 196 47.65 -25.56 -2.69
CA LEU D 196 47.22 -25.38 -4.07
C LEU D 196 46.86 -26.70 -4.76
N GLU D 197 47.63 -27.76 -4.50
CA GLU D 197 47.34 -29.05 -5.12
C GLU D 197 46.05 -29.59 -4.52
N SER D 198 45.85 -29.30 -3.23
CA SER D 198 44.68 -29.74 -2.50
C SER D 198 43.39 -29.12 -3.06
N ILE D 199 43.40 -27.81 -3.32
CA ILE D 199 42.21 -27.14 -3.86
C ILE D 199 41.95 -27.55 -5.29
N ILE D 200 43.02 -27.66 -6.08
CA ILE D 200 42.86 -28.06 -7.47
C ILE D 200 42.19 -29.43 -7.47
N THR D 201 42.63 -30.28 -6.55
CA THR D 201 42.10 -31.62 -6.46
C THR D 201 40.63 -31.69 -6.07
N ASP D 202 40.23 -30.96 -5.03
CA ASP D 202 38.82 -30.97 -4.63
C ASP D 202 37.99 -30.42 -5.77
N PHE D 203 38.51 -29.40 -6.43
CA PHE D 203 37.82 -28.74 -7.53
C PHE D 203 37.55 -29.64 -8.73
N LEU D 204 38.60 -30.29 -9.25
CA LEU D 204 38.43 -31.16 -10.41
C LEU D 204 37.75 -32.49 -10.04
N ASN D 205 37.82 -32.85 -8.76
CA ASN D 205 37.18 -34.08 -8.27
C ASN D 205 35.68 -33.82 -8.23
N HIS D 206 35.33 -32.56 -8.04
CA HIS D 206 33.93 -32.13 -7.99
C HIS D 206 33.40 -32.02 -9.43
N LEU D 207 34.24 -31.59 -10.36
CA LEU D 207 33.82 -31.46 -11.76
C LEU D 207 33.87 -32.82 -12.43
N GLY D 208 34.50 -33.78 -11.77
CA GLY D 208 34.61 -35.11 -12.34
C GLY D 208 35.53 -35.08 -13.54
N ILE D 209 36.67 -34.43 -13.38
CA ILE D 209 37.63 -34.35 -14.46
C ILE D 209 38.98 -34.87 -13.97
N ASP D 210 39.55 -35.80 -14.71
CA ASP D 210 40.83 -36.42 -14.37
C ASP D 210 42.01 -35.53 -14.71
N PHE D 211 43.07 -35.65 -13.91
CA PHE D 211 44.24 -34.81 -14.11
C PHE D 211 45.53 -35.32 -13.51
N LYS D 212 46.61 -34.66 -13.92
CA LYS D 212 47.95 -34.93 -13.46
C LYS D 212 48.52 -33.53 -13.25
N ILE D 213 49.04 -33.27 -12.06
CA ILE D 213 49.60 -31.95 -11.78
C ILE D 213 51.12 -31.96 -11.92
N VAL D 214 51.61 -31.55 -13.08
CA VAL D 214 53.06 -31.51 -13.28
C VAL D 214 53.60 -30.18 -12.75
N GLY D 215 54.42 -30.26 -11.70
CA GLY D 215 54.97 -29.05 -11.10
C GLY D 215 56.39 -28.73 -11.52
N ASP D 216 56.82 -27.52 -11.20
CA ASP D 216 58.15 -27.05 -11.52
C ASP D 216 58.57 -26.17 -10.35
N SER D 217 59.73 -26.47 -9.79
CA SER D 217 60.23 -25.71 -8.66
C SER D 217 61.63 -25.17 -8.95
N CYS D 218 62.12 -25.43 -10.17
CA CYS D 218 63.46 -24.96 -10.57
C CYS D 218 63.46 -23.46 -10.92
N MET D 219 63.27 -22.63 -9.89
CA MET D 219 63.25 -21.18 -10.01
C MET D 219 63.62 -20.57 -8.67
N VAL D 220 64.19 -19.37 -8.67
CA VAL D 220 64.57 -18.75 -7.41
C VAL D 220 63.39 -18.11 -6.67
N TYR D 221 62.29 -17.85 -7.39
CA TYR D 221 61.12 -17.25 -6.75
C TYR D 221 59.86 -18.01 -7.08
N GLY D 222 59.07 -18.30 -6.05
CA GLY D 222 57.80 -18.97 -6.24
C GLY D 222 57.84 -20.43 -6.67
N ASP D 223 56.69 -20.88 -7.15
CA ASP D 223 56.50 -22.25 -7.58
C ASP D 223 55.54 -22.23 -8.77
N THR D 224 55.54 -23.30 -9.55
CA THR D 224 54.65 -23.40 -10.70
C THR D 224 54.01 -24.79 -10.76
N LEU D 225 52.76 -24.83 -11.20
CA LEU D 225 52.02 -26.08 -11.34
C LEU D 225 51.27 -26.02 -12.65
N ASP D 226 51.07 -27.20 -13.24
CA ASP D 226 50.35 -27.30 -14.50
C ASP D 226 49.37 -28.44 -14.43
N VAL D 227 48.10 -28.12 -14.19
CA VAL D 227 47.08 -29.14 -14.12
C VAL D 227 46.85 -29.61 -15.55
N MET D 228 47.05 -30.90 -15.79
CA MET D 228 46.89 -31.45 -17.13
C MET D 228 45.87 -32.56 -17.27
N HIS D 229 45.33 -32.66 -18.47
CA HIS D 229 44.38 -33.69 -18.84
C HIS D 229 44.92 -34.04 -20.22
N GLY D 230 45.66 -35.13 -20.31
CA GLY D 230 46.25 -35.50 -21.58
C GLY D 230 47.30 -34.42 -21.82
N ASP D 231 47.69 -34.19 -23.07
CA ASP D 231 48.67 -33.16 -23.32
C ASP D 231 47.96 -31.82 -23.53
N LEU D 232 46.85 -31.65 -22.82
CA LEU D 232 46.07 -30.42 -22.90
C LEU D 232 46.06 -29.71 -21.55
N GLU D 233 46.83 -28.64 -21.43
CA GLU D 233 46.89 -27.91 -20.18
C GLU D 233 45.49 -27.45 -19.78
N LEU D 234 45.12 -27.74 -18.55
CA LEU D 234 43.82 -27.33 -18.01
C LEU D 234 44.02 -26.09 -17.17
N SER D 235 45.20 -25.95 -16.59
CA SER D 235 45.47 -24.80 -15.76
C SER D 235 46.94 -24.59 -15.42
N SER D 236 47.25 -23.33 -15.11
CA SER D 236 48.58 -22.91 -14.69
C SER D 236 48.33 -22.34 -13.33
N ALA D 237 49.14 -22.76 -12.37
CA ALA D 237 48.98 -22.29 -11.01
C ALA D 237 50.36 -21.94 -10.50
N VAL D 238 50.45 -21.01 -9.57
CA VAL D 238 51.75 -20.66 -9.04
C VAL D 238 51.61 -20.46 -7.56
N VAL D 239 52.74 -20.46 -6.86
CA VAL D 239 52.75 -20.27 -5.42
C VAL D 239 53.58 -19.03 -5.17
N GLY D 240 52.95 -18.04 -4.55
CA GLY D 240 53.66 -16.81 -4.25
C GLY D 240 54.55 -17.04 -3.06
N PRO D 241 55.39 -16.07 -2.69
CA PRO D 241 55.49 -14.80 -3.40
C PRO D 241 56.33 -14.86 -4.69
N ILE D 242 56.06 -13.93 -5.59
CA ILE D 242 56.81 -13.81 -6.83
C ILE D 242 57.04 -12.31 -6.95
N PRO D 243 58.15 -11.89 -7.58
CA PRO D 243 58.50 -10.47 -7.75
C PRO D 243 57.33 -9.56 -8.20
N LEU D 244 56.58 -10.01 -9.19
CA LEU D 244 55.46 -9.24 -9.71
C LEU D 244 54.59 -8.71 -8.58
N ASP D 245 54.57 -9.43 -7.46
CA ASP D 245 53.79 -9.03 -6.29
C ASP D 245 53.98 -7.59 -5.86
N ARG D 246 55.23 -7.14 -5.79
CA ARG D 246 55.51 -5.78 -5.38
C ARG D 246 54.94 -4.70 -6.29
N GLU D 247 54.72 -5.04 -7.55
CA GLU D 247 54.18 -4.06 -8.49
C GLU D 247 52.71 -3.80 -8.19
N TRP D 248 52.09 -4.69 -7.42
CA TRP D 248 50.69 -4.53 -7.09
C TRP D 248 50.45 -4.33 -5.61
N GLY D 249 51.53 -4.10 -4.87
CA GLY D 249 51.42 -3.88 -3.43
C GLY D 249 51.07 -5.11 -2.63
N ILE D 250 51.41 -6.28 -3.16
CA ILE D 250 51.14 -7.54 -2.46
C ILE D 250 52.43 -8.07 -1.87
N ASP D 251 52.49 -8.15 -0.54
CA ASP D 251 53.66 -8.65 0.14
C ASP D 251 53.25 -9.75 1.12
N LYS D 252 52.84 -10.89 0.58
CA LYS D 252 52.42 -12.03 1.40
C LYS D 252 52.39 -13.22 0.49
N PRO D 253 52.58 -14.43 1.04
CA PRO D 253 52.54 -15.60 0.17
C PRO D 253 51.11 -15.85 -0.28
N TRP D 254 50.95 -16.49 -1.43
CA TRP D 254 49.62 -16.78 -1.96
C TRP D 254 49.74 -17.90 -2.95
N ILE D 255 48.58 -18.43 -3.34
CA ILE D 255 48.49 -19.50 -4.32
C ILE D 255 47.36 -19.11 -5.27
N GLY D 256 47.44 -19.54 -6.51
CA GLY D 256 46.39 -19.19 -7.43
C GLY D 256 46.48 -20.00 -8.68
N ALA D 257 45.35 -20.19 -9.34
CA ALA D 257 45.32 -20.94 -10.57
C ALA D 257 44.32 -20.31 -11.54
N GLY D 258 44.47 -20.62 -12.81
CA GLY D 258 43.56 -20.08 -13.78
C GLY D 258 43.16 -21.17 -14.74
N PHE D 259 41.86 -21.46 -14.81
CA PHE D 259 41.35 -22.49 -15.72
C PHE D 259 40.50 -21.81 -16.79
N GLY D 260 40.48 -22.40 -17.97
CA GLY D 260 39.64 -21.88 -19.03
C GLY D 260 38.40 -22.75 -19.01
N LEU D 261 37.23 -22.17 -18.74
CA LEU D 261 36.00 -22.95 -18.69
C LEU D 261 35.70 -23.65 -20.00
N GLU D 262 35.95 -22.97 -21.13
CA GLU D 262 35.68 -23.58 -22.42
C GLU D 262 36.52 -24.84 -22.55
N ARG D 263 37.68 -24.84 -21.89
CA ARG D 263 38.54 -26.01 -21.95
C ARG D 263 38.01 -27.13 -21.08
N LEU D 264 37.45 -26.78 -19.93
CA LEU D 264 36.89 -27.79 -19.05
C LEU D 264 35.75 -28.46 -19.78
N LEU D 265 34.92 -27.66 -20.47
CA LEU D 265 33.78 -28.19 -21.21
C LEU D 265 34.22 -29.06 -22.38
N LYS D 266 35.28 -28.63 -23.07
CA LYS D 266 35.79 -29.40 -24.21
C LYS D 266 36.19 -30.81 -23.77
N VAL D 267 36.70 -30.91 -22.55
CA VAL D 267 37.13 -32.17 -21.99
C VAL D 267 35.99 -33.02 -21.41
N LYS D 268 35.05 -32.40 -20.71
CA LYS D 268 33.94 -33.13 -20.14
C LYS D 268 33.01 -33.66 -21.22
N HIS D 269 32.77 -32.85 -22.26
CA HIS D 269 31.88 -33.25 -23.35
C HIS D 269 32.61 -33.88 -24.54
N ASP D 270 33.92 -33.96 -24.42
CA ASP D 270 34.76 -34.60 -25.44
C ASP D 270 34.74 -34.01 -26.84
N PHE D 271 34.66 -32.69 -26.96
CA PHE D 271 34.65 -32.05 -28.28
C PHE D 271 36.10 -32.11 -28.79
N LYS D 272 36.30 -31.93 -30.09
CA LYS D 272 37.65 -31.94 -30.63
C LYS D 272 38.06 -30.53 -31.04
N ASN D 273 37.09 -29.62 -30.99
CA ASN D 273 37.37 -28.23 -31.30
C ASN D 273 36.70 -27.43 -30.20
N ILE D 274 37.52 -26.76 -29.40
CA ILE D 274 37.02 -25.97 -28.29
C ILE D 274 36.00 -24.91 -28.73
N LYS D 275 35.82 -24.75 -30.03
CA LYS D 275 34.85 -23.78 -30.54
C LYS D 275 33.43 -24.26 -30.23
N ARG D 276 33.31 -25.50 -29.78
CA ARG D 276 32.02 -26.08 -29.46
C ARG D 276 31.53 -25.63 -28.10
N ALA D 277 32.48 -25.22 -27.25
CA ALA D 277 32.17 -24.77 -25.90
C ALA D 277 32.28 -23.25 -25.71
N ALA D 278 32.57 -22.52 -26.77
CA ALA D 278 32.73 -21.08 -26.65
C ALA D 278 31.47 -20.28 -26.91
N ARG D 279 31.43 -19.06 -26.41
CA ARG D 279 30.29 -18.19 -26.69
C ARG D 279 30.31 -18.24 -28.20
N SER D 280 29.14 -18.42 -28.82
CA SER D 280 29.08 -18.55 -30.26
C SER D 280 27.64 -18.45 -30.71
N GLY D 281 27.47 -18.28 -32.01
CA GLY D 281 26.15 -18.20 -32.59
C GLY D 281 26.05 -19.32 -33.59
N SER D 282 27.13 -20.10 -33.68
CA SER D 282 27.23 -21.23 -34.60
C SER D 282 27.00 -22.57 -33.91
N TYR D 283 26.98 -22.55 -32.57
CA TYR D 283 26.79 -23.75 -31.77
C TYR D 283 26.09 -23.45 -30.46
N TYR D 284 25.24 -24.36 -30.01
CA TYR D 284 24.58 -24.19 -28.73
C TYR D 284 24.88 -25.46 -27.93
N ASN D 285 25.50 -25.30 -26.76
CA ASN D 285 25.87 -26.44 -25.94
C ASN D 285 26.51 -27.51 -26.82
N GLY D 286 27.30 -27.04 -27.80
CA GLY D 286 28.00 -27.95 -28.70
C GLY D 286 27.25 -28.41 -29.93
N ILE D 287 25.95 -28.12 -29.97
CA ILE D 287 25.12 -28.51 -31.10
C ILE D 287 25.04 -27.39 -32.13
N SER D 288 25.36 -27.71 -33.38
CA SER D 288 25.31 -26.74 -34.46
C SER D 288 23.96 -26.07 -34.51
N THR D 289 23.94 -24.75 -34.68
CA THR D 289 22.70 -24.02 -34.75
C THR D 289 22.31 -23.88 -36.22
N ASN D 290 23.09 -24.49 -37.11
CA ASN D 290 22.81 -24.43 -38.54
C ASN D 290 22.08 -25.67 -39.02
N LEU D 291 20.85 -25.83 -38.55
CA LEU D 291 20.04 -26.99 -38.91
C LEU D 291 19.06 -26.72 -40.05
#